data_5OUI
#
_entry.id   5OUI
#
_cell.length_a   87.753
_cell.length_b   113.139
_cell.length_c   145.887
_cell.angle_alpha   90.000
_cell.angle_beta   90.000
_cell.angle_gamma   90.000
#
_symmetry.space_group_name_H-M   'P 21 21 21'
#
loop_
_entity.id
_entity.type
_entity.pdbx_description
1 polymer 'Acetylcholine binding protein'
2 branched alpha-D-mannopyranose-(1-3)-[alpha-D-mannopyranose-(1-6)]beta-D-mannopyranose-(1-4)-2-acetamido-2-deoxy-beta-D-glucopyranose-(1-4)-2-acetamido-2-deoxy-beta-D-glucopyranose
3 branched 2-acetamido-2-deoxy-beta-D-glucopyranose-(1-4)-2-acetamido-2-deoxy-beta-D-glucopyranose
4 branched beta-D-mannopyranose-(1-4)-2-acetamido-2-deoxy-beta-D-glucopyranose-(1-4)-2-acetamido-2-deoxy-beta-D-glucopyranose
5 non-polymer (3~{R})-~{N}-(5-bromanylpyridin-2-yl)piperidine-3-carboxamide
6 non-polymer 1,2-ETHANEDIOL
7 non-polymer DI(HYDROXYETHYL)ETHER
8 water water
#
_entity_poly.entity_id   1
_entity_poly.type   'polypeptide(L)'
_entity_poly.pdbx_seq_one_letter_code
;GEFQRKLYKELVKNYNPDVIPTQRDRPVTVYFSLSLLQIMDVDEKNQVVDVVIWLQMSWTDHYLQWNVSEYPGVKQVSVP
ISSLWKPDILLYNAIERPEVLTPQLALVNSSGHVQYLPSIRQRFSCDVSGVDTESGATCKLKFGSWTHHSRELDLQMQEA
DISGYIPYSRFELVGVTQKRSERFYECCKEPYPDVTFTVTFRKKG
;
_entity_poly.pdbx_strand_id   A,B,C,D,E
#
loop_
_chem_comp.id
_chem_comp.type
_chem_comp.name
_chem_comp.formula
AVB non-polymer (3~{R})-~{N}-(5-bromanylpyridin-2-yl)piperidine-3-carboxamide 'C11 H14 Br N3 O'
BMA D-saccharide, beta linking beta-D-mannopyranose 'C6 H12 O6'
EDO non-polymer 1,2-ETHANEDIOL 'C2 H6 O2'
MAN D-saccharide, alpha linking alpha-D-mannopyranose 'C6 H12 O6'
NAG D-saccharide, beta linking 2-acetamido-2-deoxy-beta-D-glucopyranose 'C8 H15 N O6'
PEG non-polymer DI(HYDROXYETHYL)ETHER 'C4 H10 O3'
#
# COMPACT_ATOMS: atom_id res chain seq x y z
N GLY A 1 -28.07 15.73 2.77
CA GLY A 1 -28.73 15.68 4.10
C GLY A 1 -28.28 16.79 5.03
N GLU A 2 -29.14 17.78 5.28
CA GLU A 2 -28.86 18.83 6.25
C GLU A 2 -28.83 18.29 7.68
N PHE A 3 -29.86 17.51 8.03
CA PHE A 3 -29.94 16.94 9.37
C PHE A 3 -28.86 15.90 9.62
N GLN A 4 -28.55 15.06 8.62
CA GLN A 4 -27.44 14.09 8.71
C GLN A 4 -26.11 14.75 9.00
N ARG A 5 -25.86 15.88 8.34
CA ARG A 5 -24.64 16.64 8.58
C ARG A 5 -24.60 17.20 10.01
N LYS A 6 -25.73 17.70 10.52
CA LYS A 6 -25.78 18.14 11.94
C LYS A 6 -25.56 16.98 12.91
N LEU A 7 -26.13 15.82 12.58
CA LEU A 7 -26.01 14.59 13.39
C LEU A 7 -24.57 14.10 13.49
N TYR A 8 -23.85 14.01 12.37
CA TYR A 8 -22.44 13.59 12.39
CA TYR A 8 -22.43 13.60 12.39
C TYR A 8 -21.60 14.53 13.24
N LYS A 9 -21.94 15.82 13.23
CA LYS A 9 -21.25 16.82 14.06
C LYS A 9 -21.46 16.58 15.56
N GLU A 10 -22.69 16.21 15.94
CA GLU A 10 -23.00 15.81 17.32
C GLU A 10 -22.42 14.43 17.71
N LEU A 11 -22.42 13.47 16.79
CA LEU A 11 -21.91 12.13 17.09
C LEU A 11 -20.39 12.06 17.29
N VAL A 12 -19.61 12.85 16.55
CA VAL A 12 -18.15 12.86 16.75
C VAL A 12 -17.72 13.45 18.10
N LYS A 13 -18.51 14.35 18.69
CA LYS A 13 -18.14 14.98 19.97
C LYS A 13 -17.94 13.93 21.04
N ASN A 14 -16.73 13.90 21.61
CA ASN A 14 -16.32 12.93 22.63
C ASN A 14 -16.26 11.46 22.23
N TYR A 15 -16.50 11.11 20.97
CA TYR A 15 -16.45 9.70 20.55
C TYR A 15 -15.00 9.33 20.28
N ASN A 16 -14.54 8.26 20.92
CA ASN A 16 -13.19 7.73 20.70
C ASN A 16 -13.35 6.31 20.20
N PRO A 17 -13.08 6.07 18.91
CA PRO A 17 -13.27 4.72 18.33
C PRO A 17 -12.24 3.67 18.72
N ASP A 18 -11.24 4.02 19.50
CA ASP A 18 -10.30 3.03 20.06
C ASP A 18 -10.81 2.41 21.37
N VAL A 19 -11.88 2.95 21.95
CA VAL A 19 -12.47 2.41 23.18
C VAL A 19 -13.72 1.57 22.90
N ILE A 20 -13.70 0.33 23.39
CA ILE A 20 -14.87 -0.57 23.35
C ILE A 20 -16.03 0.05 24.15
N PRO A 21 -17.25 0.10 23.56
CA PRO A 21 -18.38 0.82 24.17
C PRO A 21 -19.19 -0.02 25.16
N THR A 22 -18.54 -0.47 26.23
CA THR A 22 -19.20 -1.21 27.30
C THR A 22 -19.88 -0.23 28.25
N GLN A 23 -20.66 -0.79 29.17
CA GLN A 23 -21.50 0.02 30.09
C GLN A 23 -21.80 -0.77 31.37
N ARG A 24 -21.64 -0.11 32.53
CA ARG A 24 -21.74 -0.74 33.87
C ARG A 24 -21.00 -2.10 33.90
N ASP A 25 -21.72 -3.22 34.08
CA ASP A 25 -21.16 -4.55 33.92
C ASP A 25 -22.03 -5.30 32.91
N ARG A 26 -22.11 -4.70 31.72
CA ARG A 26 -22.71 -5.32 30.55
C ARG A 26 -21.64 -5.39 29.49
N PRO A 27 -21.38 -6.59 28.94
CA PRO A 27 -20.50 -6.64 27.77
C PRO A 27 -21.15 -6.02 26.53
N VAL A 28 -20.36 -5.86 25.47
CA VAL A 28 -20.90 -5.59 24.14
C VAL A 28 -21.14 -6.95 23.52
N THR A 29 -22.38 -7.23 23.13
CA THR A 29 -22.69 -8.47 22.45
C THR A 29 -22.51 -8.27 20.96
N VAL A 30 -21.75 -9.17 20.34
CA VAL A 30 -21.47 -9.13 18.92
C VAL A 30 -22.02 -10.41 18.31
N TYR A 31 -23.01 -10.24 17.42
CA TYR A 31 -23.58 -11.37 16.70
C TYR A 31 -22.79 -11.58 15.42
N PHE A 32 -22.33 -12.81 15.21
CA PHE A 32 -21.39 -13.13 14.13
C PHE A 32 -21.90 -14.30 13.31
N SER A 33 -21.79 -14.18 12.00
CA SER A 33 -22.24 -15.19 11.07
C SER A 33 -21.49 -15.07 9.76
N LEU A 34 -21.74 -16.01 8.85
CA LEU A 34 -20.95 -16.17 7.66
C LEU A 34 -21.75 -16.75 6.50
N SER A 35 -21.45 -16.36 5.26
CA SER A 35 -21.87 -17.10 4.08
C SER A 35 -20.68 -17.46 3.18
N LEU A 36 -20.47 -18.76 2.93
CA LEU A 36 -19.46 -19.22 1.98
C LEU A 36 -19.94 -18.97 0.57
N LEU A 37 -19.18 -18.18 -0.20
CA LEU A 37 -19.59 -17.80 -1.57
C LEU A 37 -18.90 -18.67 -2.61
N GLN A 38 -17.58 -18.88 -2.47
CA GLN A 38 -16.85 -19.71 -3.42
C GLN A 38 -15.55 -20.28 -2.86
N ILE A 39 -15.25 -21.51 -3.26
CA ILE A 39 -13.92 -22.09 -3.04
C ILE A 39 -13.18 -21.93 -4.37
N MET A 40 -12.10 -21.16 -4.35
CA MET A 40 -11.41 -20.74 -5.57
C MET A 40 -10.35 -21.74 -6.03
N ASP A 41 -9.56 -22.21 -5.07
CA ASP A 41 -8.49 -23.15 -5.36
C ASP A 41 -8.06 -23.88 -4.09
N VAL A 42 -7.42 -25.02 -4.28
CA VAL A 42 -6.78 -25.76 -3.19
C VAL A 42 -5.33 -26.10 -3.58
N ASP A 43 -4.40 -25.87 -2.64
CA ASP A 43 -3.00 -26.23 -2.81
C ASP A 43 -2.76 -27.50 -2.00
N GLU A 44 -2.69 -28.64 -2.71
CA GLU A 44 -2.51 -29.94 -2.05
C GLU A 44 -1.11 -30.12 -1.45
N LYS A 45 -0.10 -29.55 -2.09
CA LYS A 45 1.29 -29.64 -1.59
C LYS A 45 1.51 -28.80 -0.34
N ASN A 46 1.03 -27.55 -0.32
CA ASN A 46 1.22 -26.64 0.81
C ASN A 46 0.10 -26.65 1.86
N GLN A 47 -0.95 -27.46 1.65
CA GLN A 47 -2.11 -27.58 2.55
C GLN A 47 -2.83 -26.24 2.84
N VAL A 48 -3.26 -25.61 1.75
CA VAL A 48 -3.88 -24.28 1.78
C VAL A 48 -5.17 -24.29 0.98
N VAL A 49 -6.13 -23.51 1.45
CA VAL A 49 -7.41 -23.32 0.77
C VAL A 49 -7.63 -21.82 0.53
N ASP A 50 -8.15 -21.50 -0.66
CA ASP A 50 -8.44 -20.14 -1.11
C ASP A 50 -9.95 -19.98 -1.27
N VAL A 51 -10.54 -19.02 -0.54
CA VAL A 51 -12.00 -18.82 -0.55
C VAL A 51 -12.45 -17.37 -0.64
N VAL A 52 -13.72 -17.18 -1.03
CA VAL A 52 -14.43 -15.93 -0.83
C VAL A 52 -15.58 -16.15 0.14
N ILE A 53 -15.56 -15.40 1.24
CA ILE A 53 -16.60 -15.50 2.27
C ILE A 53 -17.14 -14.14 2.68
N TRP A 54 -18.42 -14.15 3.06
CA TRP A 54 -19.17 -12.96 3.38
C TRP A 54 -19.47 -12.96 4.88
N LEU A 55 -18.71 -12.18 5.62
CA LEU A 55 -18.86 -12.09 7.07
C LEU A 55 -19.99 -11.14 7.43
N GLN A 56 -20.69 -11.44 8.52
CA GLN A 56 -21.84 -10.67 8.96
C GLN A 56 -21.77 -10.38 10.45
N MET A 57 -21.53 -9.13 10.78
CA MET A 57 -21.33 -8.70 12.17
C MET A 57 -22.33 -7.62 12.57
N SER A 58 -22.89 -7.79 13.76
CA SER A 58 -23.86 -6.88 14.30
C SER A 58 -23.59 -6.66 15.79
N TRP A 59 -23.69 -5.41 16.24
CA TRP A 59 -23.55 -5.09 17.67
C TRP A 59 -24.29 -3.78 17.99
N THR A 60 -24.22 -3.34 19.24
CA THR A 60 -24.85 -2.11 19.69
C THR A 60 -23.86 -1.21 20.42
N ASP A 61 -23.80 0.04 19.99
CA ASP A 61 -22.89 1.04 20.51
C ASP A 61 -23.77 2.12 21.11
N HIS A 62 -23.91 2.11 22.43
CA HIS A 62 -24.83 3.06 23.10
C HIS A 62 -24.39 4.54 23.00
N TYR A 63 -23.18 4.81 22.49
CA TYR A 63 -22.77 6.18 22.15
C TYR A 63 -23.24 6.69 20.77
N LEU A 64 -23.79 5.81 19.93
CA LEU A 64 -24.24 6.18 18.59
C LEU A 64 -25.76 6.26 18.46
N GLN A 65 -26.46 6.59 19.54
CA GLN A 65 -27.92 6.65 19.50
C GLN A 65 -28.37 8.10 19.50
N TRP A 66 -29.53 8.36 18.86
CA TRP A 66 -30.09 9.72 18.78
C TRP A 66 -31.61 9.69 18.81
N ASN A 67 -32.21 10.83 19.13
CA ASN A 67 -33.67 10.97 19.16
C ASN A 67 -34.18 11.25 17.74
N VAL A 68 -34.91 10.30 17.17
CA VAL A 68 -35.41 10.42 15.78
C VAL A 68 -36.39 11.56 15.59
N SER A 69 -37.06 11.99 16.67
CA SER A 69 -37.90 13.19 16.62
C SER A 69 -37.07 14.47 16.40
N GLU A 70 -35.85 14.52 16.96
CA GLU A 70 -34.91 15.63 16.75
C GLU A 70 -34.25 15.67 15.36
N TYR A 71 -34.11 14.51 14.73
CA TYR A 71 -33.49 14.41 13.41
C TYR A 71 -34.47 13.69 12.46
N PRO A 72 -35.54 14.40 12.05
CA PRO A 72 -36.66 13.76 11.36
C PRO A 72 -36.28 13.24 9.98
N GLY A 73 -36.79 12.06 9.64
CA GLY A 73 -36.41 11.36 8.42
C GLY A 73 -35.12 10.57 8.51
N VAL A 74 -34.32 10.81 9.56
CA VAL A 74 -33.01 10.16 9.72
C VAL A 74 -33.20 8.86 10.49
N LYS A 75 -33.53 7.81 9.75
CA LYS A 75 -33.81 6.50 10.35
C LYS A 75 -32.52 5.73 10.57
N GLN A 76 -31.68 5.68 9.55
CA GLN A 76 -30.39 5.02 9.61
C GLN A 76 -29.36 5.75 8.76
N VAL A 77 -28.08 5.63 9.11
CA VAL A 77 -26.98 6.33 8.44
C VAL A 77 -25.86 5.37 8.01
N SER A 78 -25.13 5.79 6.98
CA SER A 78 -24.05 5.03 6.36
C SER A 78 -22.71 5.67 6.74
N VAL A 79 -21.93 4.98 7.59
CA VAL A 79 -20.69 5.55 8.18
C VAL A 79 -19.48 4.67 7.77
N PRO A 80 -18.31 5.31 7.49
CA PRO A 80 -17.11 4.50 7.24
C PRO A 80 -16.62 3.86 8.53
N ILE A 81 -16.39 2.56 8.46
CA ILE A 81 -16.04 1.74 9.62
C ILE A 81 -14.79 2.23 10.37
N SER A 82 -13.89 2.88 9.64
CA SER A 82 -12.73 3.54 10.22
C SER A 82 -13.02 4.53 11.34
N SER A 83 -14.23 5.10 11.39
CA SER A 83 -14.55 6.11 12.42
C SER A 83 -15.46 5.60 13.54
N LEU A 84 -15.58 4.27 13.66
CA LEU A 84 -16.31 3.61 14.75
C LEU A 84 -15.41 2.68 15.52
N TRP A 85 -15.87 2.25 16.70
CA TRP A 85 -15.30 1.09 17.32
C TRP A 85 -15.78 -0.12 16.54
N LYS A 86 -14.86 -1.04 16.31
CA LYS A 86 -15.10 -2.25 15.51
C LYS A 86 -14.60 -3.42 16.37
N PRO A 87 -15.31 -4.55 16.39
CA PRO A 87 -14.74 -5.67 17.15
C PRO A 87 -13.48 -6.23 16.50
N ASP A 88 -12.51 -6.66 17.32
CA ASP A 88 -11.20 -7.14 16.85
C ASP A 88 -11.17 -8.62 16.54
N ILE A 89 -12.10 -9.08 15.71
CA ILE A 89 -12.28 -10.50 15.44
C ILE A 89 -11.26 -10.96 14.42
N LEU A 90 -10.78 -12.19 14.53
CA LEU A 90 -9.94 -12.75 13.45
C LEU A 90 -10.14 -14.24 13.20
N LEU A 91 -9.64 -14.67 12.05
CA LEU A 91 -9.63 -16.07 11.63
C LEU A 91 -8.32 -16.73 12.05
N TYR A 92 -8.37 -17.63 13.03
CA TYR A 92 -7.12 -18.20 13.58
C TYR A 92 -6.31 -19.05 12.58
N ASN A 93 -6.98 -19.52 11.52
CA ASN A 93 -6.36 -20.41 10.50
C ASN A 93 -5.60 -19.69 9.39
N ALA A 94 -5.68 -18.37 9.36
CA ALA A 94 -5.21 -17.58 8.22
C ALA A 94 -3.70 -17.51 8.18
N ILE A 95 -3.18 -17.52 6.96
CA ILE A 95 -1.74 -17.48 6.66
C ILE A 95 -1.39 -16.31 5.72
N GLU A 96 -2.32 -15.37 5.55
CA GLU A 96 -2.19 -14.19 4.69
C GLU A 96 -3.21 -13.21 5.26
N ARG A 97 -3.06 -11.92 4.99
CA ARG A 97 -4.06 -10.95 5.45
C ARG A 97 -5.34 -11.10 4.60
N PRO A 98 -6.49 -10.62 5.11
CA PRO A 98 -7.70 -10.66 4.28
C PRO A 98 -7.70 -9.58 3.18
N GLU A 99 -8.16 -9.92 1.97
CA GLU A 99 -8.39 -8.91 0.92
C GLU A 99 -9.87 -8.55 0.93
N VAL A 100 -10.20 -7.31 1.31
CA VAL A 100 -11.60 -6.89 1.51
C VAL A 100 -12.21 -6.40 0.18
N LEU A 101 -13.27 -7.08 -0.27
CA LEU A 101 -13.87 -6.81 -1.58
C LEU A 101 -14.93 -5.71 -1.56
N THR A 102 -15.64 -5.57 -0.44
CA THR A 102 -16.71 -4.58 -0.29
C THR A 102 -16.19 -3.22 0.18
N PRO A 103 -16.95 -2.15 -0.07
CA PRO A 103 -16.77 -0.86 0.59
C PRO A 103 -16.72 -0.97 2.10
N GLN A 104 -15.84 -0.19 2.74
CA GLN A 104 -15.61 -0.26 4.17
C GLN A 104 -16.59 0.63 4.91
N LEU A 105 -17.86 0.26 4.83
CA LEU A 105 -18.96 1.03 5.39
C LEU A 105 -19.86 0.16 6.27
N ALA A 106 -20.43 0.80 7.29
CA ALA A 106 -21.40 0.18 8.18
C ALA A 106 -22.67 1.00 8.26
N LEU A 107 -23.77 0.30 8.53
CA LEU A 107 -25.08 0.91 8.76
C LEU A 107 -25.32 1.08 10.24
N VAL A 108 -25.83 2.24 10.64
CA VAL A 108 -26.17 2.51 12.05
C VAL A 108 -27.60 3.03 12.20
N ASN A 109 -28.43 2.42 13.03
CA ASN A 109 -29.77 2.97 13.26
C ASN A 109 -29.85 3.85 14.52
N SER A 110 -31.03 4.40 14.78
CA SER A 110 -31.22 5.40 15.85
C SER A 110 -31.06 4.85 17.27
N SER A 111 -31.18 3.53 17.43
CA SER A 111 -30.88 2.84 18.72
C SER A 111 -29.40 2.77 19.06
N GLY A 112 -28.55 2.95 18.06
CA GLY A 112 -27.13 2.69 18.18
C GLY A 112 -26.78 1.29 17.71
N HIS A 113 -27.68 0.62 17.00
CA HIS A 113 -27.35 -0.69 16.46
C HIS A 113 -26.53 -0.56 15.19
N VAL A 114 -25.42 -1.29 15.13
CA VAL A 114 -24.44 -1.21 14.04
C VAL A 114 -24.40 -2.50 13.24
N GLN A 115 -24.21 -2.37 11.93
CA GLN A 115 -24.18 -3.53 11.03
C GLN A 115 -23.05 -3.38 10.04
N TYR A 116 -22.21 -4.40 9.96
CA TYR A 116 -21.00 -4.35 9.12
C TYR A 116 -20.80 -5.73 8.49
N LEU A 117 -20.78 -5.79 7.17
CA LEU A 117 -20.89 -7.05 6.42
C LEU A 117 -19.81 -7.25 5.36
N PRO A 118 -18.55 -7.22 5.77
CA PRO A 118 -17.48 -7.28 4.77
C PRO A 118 -17.45 -8.59 4.00
N SER A 119 -17.21 -8.53 2.69
CA SER A 119 -16.95 -9.74 1.89
C SER A 119 -15.45 -9.82 1.63
N ILE A 120 -14.87 -11.00 1.80
CA ILE A 120 -13.41 -11.16 1.86
C ILE A 120 -12.88 -12.35 1.07
N ARG A 121 -11.75 -12.11 0.39
CA ARG A 121 -10.92 -13.15 -0.18
C ARG A 121 -9.84 -13.47 0.84
N GLN A 122 -9.71 -14.76 1.16
CA GLN A 122 -8.87 -15.26 2.26
C GLN A 122 -8.24 -16.63 1.97
N ARG A 123 -6.93 -16.75 2.18
CA ARG A 123 -6.25 -18.06 2.10
C ARG A 123 -5.99 -18.56 3.52
N PHE A 124 -6.23 -19.85 3.78
CA PHE A 124 -6.01 -20.38 5.13
C PHE A 124 -5.54 -21.82 5.14
N SER A 125 -5.07 -22.25 6.31
CA SER A 125 -4.44 -23.57 6.49
C SER A 125 -5.49 -24.66 6.73
N CYS A 126 -5.39 -25.75 5.96
CA CYS A 126 -6.25 -26.92 6.18
C CYS A 126 -5.67 -28.20 5.58
N ASP A 127 -5.83 -29.32 6.30
CA ASP A 127 -5.49 -30.64 5.76
C ASP A 127 -6.53 -31.02 4.70
N VAL A 128 -6.07 -31.03 3.45
CA VAL A 128 -6.94 -31.26 2.31
C VAL A 128 -6.48 -32.47 1.50
N SER A 129 -5.87 -33.45 2.17
CA SER A 129 -5.42 -34.68 1.51
C SER A 129 -6.60 -35.51 1.02
N GLY A 130 -7.72 -35.49 1.76
CA GLY A 130 -8.93 -36.23 1.38
C GLY A 130 -9.84 -35.58 0.36
N VAL A 131 -9.43 -34.41 -0.17
CA VAL A 131 -10.25 -33.63 -1.13
C VAL A 131 -10.59 -34.38 -2.43
N ASP A 132 -9.77 -35.36 -2.77
CA ASP A 132 -9.97 -36.21 -3.94
C ASP A 132 -10.55 -37.60 -3.61
N THR A 133 -11.36 -37.69 -2.55
CA THR A 133 -12.04 -38.94 -2.18
C THR A 133 -13.56 -38.74 -2.09
N GLU A 134 -14.28 -39.84 -1.90
CA GLU A 134 -15.74 -39.78 -1.82
C GLU A 134 -16.22 -38.99 -0.59
N SER A 135 -15.60 -39.29 0.55
CA SER A 135 -15.91 -38.64 1.83
C SER A 135 -15.40 -37.20 1.90
N GLY A 136 -14.34 -36.89 1.17
CA GLY A 136 -13.91 -35.49 0.96
C GLY A 136 -12.96 -34.98 2.03
N ALA A 137 -12.83 -33.66 2.10
CA ALA A 137 -11.91 -32.98 3.01
C ALA A 137 -12.67 -31.96 3.86
N THR A 138 -12.42 -31.99 5.17
CA THR A 138 -13.10 -31.13 6.14
C THR A 138 -12.15 -30.03 6.60
N CYS A 139 -12.62 -28.79 6.65
CA CYS A 139 -11.82 -27.67 7.13
C CYS A 139 -12.57 -26.84 8.13
N LYS A 140 -11.83 -26.33 9.10
CA LYS A 140 -12.37 -25.51 10.19
C LYS A 140 -11.97 -24.06 9.98
N LEU A 141 -12.85 -23.16 10.39
CA LEU A 141 -12.59 -21.73 10.41
C LEU A 141 -13.00 -21.20 11.76
N LYS A 142 -11.99 -20.99 12.60
CA LYS A 142 -12.17 -20.51 13.95
C LYS A 142 -12.06 -18.99 13.97
N PHE A 143 -13.15 -18.32 14.37
CA PHE A 143 -13.15 -16.89 14.59
C PHE A 143 -13.28 -16.51 16.06
N GLY A 144 -12.63 -15.40 16.43
CA GLY A 144 -12.79 -14.81 17.76
C GLY A 144 -12.02 -13.51 17.97
N SER A 145 -12.34 -12.81 19.06
CA SER A 145 -11.65 -11.56 19.45
C SER A 145 -10.20 -11.83 19.85
N TRP A 146 -9.30 -10.95 19.42
CA TRP A 146 -7.88 -11.04 19.77
C TRP A 146 -7.57 -10.60 21.20
N THR A 147 -8.20 -9.53 21.71
CA THR A 147 -7.87 -9.00 23.04
C THR A 147 -8.98 -9.01 24.10
N HIS A 148 -10.24 -9.27 23.72
CA HIS A 148 -11.37 -9.12 24.67
C HIS A 148 -11.97 -10.45 25.15
N HIS A 149 -12.13 -10.58 26.49
CA HIS A 149 -12.76 -11.78 27.10
C HIS A 149 -14.29 -11.64 27.22
N SER A 150 -14.97 -12.71 27.64
CA SER A 150 -16.45 -12.74 27.71
C SER A 150 -17.13 -11.57 28.44
N ARG A 151 -16.57 -11.15 29.57
CA ARG A 151 -17.14 -10.03 30.34
C ARG A 151 -17.05 -8.65 29.68
N GLU A 152 -16.22 -8.52 28.63
CA GLU A 152 -16.12 -7.30 27.80
C GLU A 152 -16.83 -7.45 26.44
N LEU A 153 -16.58 -8.56 25.73
CA LEU A 153 -17.14 -8.78 24.39
C LEU A 153 -17.78 -10.16 24.30
N ASP A 154 -19.11 -10.19 24.31
CA ASP A 154 -19.89 -11.43 24.24
C ASP A 154 -20.10 -11.85 22.80
N LEU A 155 -19.25 -12.77 22.31
CA LEU A 155 -19.38 -13.29 20.97
C LEU A 155 -20.56 -14.27 20.92
N GLN A 156 -21.46 -14.09 19.95
CA GLN A 156 -22.62 -14.97 19.76
C GLN A 156 -22.80 -15.34 18.30
N MET A 157 -22.95 -16.62 18.01
CA MET A 157 -23.08 -17.03 16.61
C MET A 157 -24.53 -16.92 16.17
N GLN A 158 -24.71 -16.86 14.85
CA GLN A 158 -26.01 -16.93 14.22
C GLN A 158 -25.94 -17.85 13.03
N GLU A 159 -27.09 -18.30 12.54
CA GLU A 159 -27.10 -19.44 11.63
C GLU A 159 -26.59 -19.07 10.25
N ALA A 160 -25.61 -19.82 9.78
CA ALA A 160 -24.80 -19.50 8.59
C ALA A 160 -25.41 -20.17 7.38
N ASP A 161 -24.99 -19.69 6.18
CA ASP A 161 -25.64 -20.12 4.93
C ASP A 161 -24.64 -20.62 3.90
N ILE A 162 -25.18 -21.35 2.94
CA ILE A 162 -24.51 -21.68 1.67
C ILE A 162 -25.43 -21.34 0.46
N SER A 163 -26.41 -20.44 0.67
CA SER A 163 -27.37 -20.09 -0.39
C SER A 163 -26.71 -19.26 -1.49
N GLY A 164 -25.63 -18.59 -1.14
CA GLY A 164 -24.80 -17.89 -2.11
C GLY A 164 -23.76 -18.70 -2.85
N TYR A 165 -23.59 -19.99 -2.54
CA TYR A 165 -22.47 -20.76 -3.11
C TYR A 165 -22.54 -20.81 -4.65
N ILE A 166 -21.36 -20.76 -5.27
CA ILE A 166 -21.24 -20.75 -6.72
C ILE A 166 -21.36 -22.18 -7.29
N PRO A 167 -22.27 -22.38 -8.28
CA PRO A 167 -22.42 -23.70 -8.89
C PRO A 167 -21.30 -24.14 -9.82
N TYR A 168 -20.64 -23.21 -10.50
CA TYR A 168 -19.64 -23.56 -11.53
C TYR A 168 -18.21 -23.78 -11.02
N SER A 169 -17.96 -23.68 -9.70
CA SER A 169 -16.64 -23.99 -9.13
C SER A 169 -16.45 -25.50 -9.17
N ARG A 170 -15.19 -25.95 -9.27
CA ARG A 170 -14.89 -27.39 -9.42
C ARG A 170 -14.89 -28.20 -8.10
N PHE A 171 -15.26 -27.53 -7.01
CA PHE A 171 -15.48 -28.16 -5.72
C PHE A 171 -16.96 -28.17 -5.37
N GLU A 172 -17.47 -29.33 -4.92
CA GLU A 172 -18.86 -29.41 -4.42
C GLU A 172 -18.87 -29.54 -2.91
N LEU A 173 -19.92 -29.05 -2.26
CA LEU A 173 -20.05 -29.11 -0.79
C LEU A 173 -20.75 -30.39 -0.37
N VAL A 174 -20.14 -31.12 0.57
CA VAL A 174 -20.74 -32.34 1.12
C VAL A 174 -21.47 -32.03 2.45
N GLY A 175 -20.96 -31.07 3.23
CA GLY A 175 -21.68 -30.64 4.44
C GLY A 175 -21.09 -29.45 5.17
N VAL A 176 -21.89 -28.81 6.01
CA VAL A 176 -21.44 -27.74 6.90
C VAL A 176 -21.93 -27.96 8.33
N THR A 177 -21.24 -27.32 9.28
CA THR A 177 -21.68 -27.28 10.67
C THR A 177 -21.06 -26.08 11.38
N GLN A 178 -21.62 -25.66 12.52
CA GLN A 178 -21.08 -24.53 13.28
C GLN A 178 -21.24 -24.73 14.77
N LYS A 179 -20.32 -24.17 15.55
CA LYS A 179 -20.28 -24.38 16.99
C LYS A 179 -19.63 -23.23 17.74
N ARG A 180 -20.33 -22.70 18.74
CA ARG A 180 -19.77 -21.73 19.66
C ARG A 180 -19.13 -22.49 20.80
N SER A 181 -17.96 -22.02 21.22
CA SER A 181 -17.22 -22.63 22.33
C SER A 181 -16.71 -21.55 23.25
N GLU A 182 -16.62 -21.88 24.54
CA GLU A 182 -16.12 -20.97 25.56
C GLU A 182 -15.08 -21.72 26.38
N ARG A 183 -13.97 -21.06 26.65
CA ARG A 183 -12.74 -21.76 27.09
C ARG A 183 -11.89 -20.96 28.05
N PHE A 184 -11.23 -21.72 28.94
CA PHE A 184 -10.29 -21.21 29.90
C PHE A 184 -8.89 -21.65 29.46
N TYR A 185 -7.88 -20.84 29.76
CA TYR A 185 -6.45 -21.22 29.69
C TYR A 185 -5.87 -20.97 31.09
N GLU A 186 -4.77 -21.64 31.47
CA GLU A 186 -4.15 -21.43 32.80
C GLU A 186 -3.79 -19.96 33.07
N CYS A 187 -3.24 -19.29 32.05
CA CYS A 187 -2.80 -17.88 32.13
C CYS A 187 -3.77 -17.01 32.93
N CYS A 188 -5.00 -16.98 32.43
CA CYS A 188 -5.91 -15.87 32.65
C CYS A 188 -7.18 -16.43 33.31
N LYS A 189 -7.73 -15.71 34.28
CA LYS A 189 -8.88 -16.21 35.06
C LYS A 189 -10.25 -16.06 34.35
N GLU A 190 -10.33 -15.24 33.29
CA GLU A 190 -11.58 -15.03 32.52
C GLU A 190 -11.69 -15.99 31.33
N PRO A 191 -12.93 -16.27 30.87
CA PRO A 191 -13.10 -17.12 29.67
C PRO A 191 -13.11 -16.38 28.33
N TYR A 192 -12.74 -17.10 27.25
CA TYR A 192 -12.67 -16.56 25.89
C TYR A 192 -13.56 -17.33 24.90
N PRO A 193 -14.58 -16.67 24.32
CA PRO A 193 -15.47 -17.36 23.39
C PRO A 193 -14.99 -17.31 21.94
N ASP A 194 -15.06 -18.45 21.24
CA ASP A 194 -14.83 -18.51 19.79
C ASP A 194 -16.05 -19.08 19.08
N VAL A 195 -16.12 -18.83 17.78
CA VAL A 195 -17.16 -19.42 16.92
C VAL A 195 -16.47 -20.09 15.75
N THR A 196 -16.72 -21.38 15.56
CA THR A 196 -16.02 -22.17 14.54
C THR A 196 -16.98 -22.78 13.52
N PHE A 197 -16.69 -22.55 12.24
CA PHE A 197 -17.53 -23.04 11.13
C PHE A 197 -16.77 -24.10 10.37
N THR A 198 -17.40 -25.24 10.13
CA THR A 198 -16.72 -26.36 9.53
C THR A 198 -17.38 -26.67 8.19
N VAL A 199 -16.55 -26.83 7.16
CA VAL A 199 -17.01 -27.15 5.80
C VAL A 199 -16.31 -28.40 5.28
N THR A 200 -17.10 -29.38 4.87
CA THR A 200 -16.59 -30.55 4.15
C THR A 200 -16.90 -30.38 2.67
N PHE A 201 -15.86 -30.46 1.84
CA PHE A 201 -16.00 -30.34 0.39
C PHE A 201 -15.12 -31.36 -0.33
N ARG A 202 -15.32 -31.50 -1.62
CA ARG A 202 -14.55 -32.39 -2.45
C ARG A 202 -14.55 -31.97 -3.91
N LYS A 203 -13.58 -32.53 -4.64
CA LYS A 203 -13.42 -32.26 -6.05
C LYS A 203 -14.45 -33.02 -6.87
N LYS A 204 -15.08 -32.33 -7.84
CA LYS A 204 -16.14 -32.93 -8.66
C LYS A 204 -15.66 -34.02 -9.64
N GLY A 205 -14.44 -33.86 -10.14
CA GLY A 205 -13.69 -34.92 -10.81
C GLY A 205 -12.53 -35.40 -9.93
N GLY B 1 -15.62 1.78 29.05
CA GLY B 1 -16.74 2.67 28.66
C GLY B 1 -16.46 4.14 28.94
N GLU B 2 -17.17 4.70 29.92
CA GLU B 2 -17.00 6.10 30.30
C GLU B 2 -15.62 6.35 30.94
N PHE B 3 -15.25 5.49 31.88
CA PHE B 3 -13.97 5.64 32.57
C PHE B 3 -12.79 5.39 31.63
N GLN B 4 -12.90 4.37 30.75
CA GLN B 4 -11.86 4.10 29.74
C GLN B 4 -11.60 5.30 28.84
N ARG B 5 -12.69 5.97 28.43
CA ARG B 5 -12.58 7.16 27.61
C ARG B 5 -11.89 8.30 28.36
N LYS B 6 -12.20 8.49 29.66
CA LYS B 6 -11.47 9.50 30.46
C LYS B 6 -9.99 9.15 30.61
N LEU B 7 -9.71 7.86 30.79
CA LEU B 7 -8.35 7.35 30.93
C LEU B 7 -7.47 7.60 29.69
N TYR B 8 -7.99 7.27 28.50
CA TYR B 8 -7.25 7.51 27.25
CA TYR B 8 -7.24 7.52 27.25
C TYR B 8 -6.94 9.00 27.08
N LYS B 9 -7.86 9.86 27.52
CA LYS B 9 -7.66 11.31 27.45
C LYS B 9 -6.51 11.77 28.34
N GLU B 10 -6.42 11.19 29.54
CA GLU B 10 -5.28 11.44 30.45
C GLU B 10 -3.96 10.80 29.99
N LEU B 11 -4.02 9.59 29.42
CA LEU B 11 -2.80 8.91 28.97
C LEU B 11 -2.11 9.55 27.75
N VAL B 12 -2.87 10.11 26.82
CA VAL B 12 -2.26 10.78 25.65
C VAL B 12 -1.53 12.08 26.01
N LYS B 13 -1.92 12.75 27.09
CA LYS B 13 -1.27 14.02 27.49
C LYS B 13 0.23 13.81 27.71
N ASN B 14 1.03 14.54 26.92
CA ASN B 14 2.49 14.46 26.94
C ASN B 14 3.13 13.15 26.49
N TYR B 15 2.36 12.16 26.03
CA TYR B 15 2.95 10.89 25.61
C TYR B 15 3.45 11.03 24.18
N ASN B 16 4.71 10.70 23.96
CA ASN B 16 5.33 10.74 22.64
C ASN B 16 5.82 9.33 22.36
N PRO B 17 5.14 8.60 21.45
CA PRO B 17 5.49 7.21 21.17
C PRO B 17 6.76 6.96 20.36
N ASP B 18 7.44 8.03 19.92
CA ASP B 18 8.75 7.87 19.30
C ASP B 18 9.90 7.83 20.32
N VAL B 19 9.62 8.13 21.60
CA VAL B 19 10.63 8.11 22.65
C VAL B 19 10.51 6.83 23.50
N ILE B 20 11.65 6.13 23.60
CA ILE B 20 11.79 4.96 24.48
C ILE B 20 11.58 5.39 25.94
N PRO B 21 10.73 4.65 26.71
CA PRO B 21 10.36 5.06 28.07
C PRO B 21 11.34 4.60 29.16
N THR B 22 12.59 5.04 29.08
CA THR B 22 13.60 4.75 30.08
C THR B 22 13.46 5.70 31.25
N GLN B 23 14.23 5.44 32.30
CA GLN B 23 14.14 6.18 33.56
C GLN B 23 15.48 6.12 34.32
N ARG B 24 15.95 7.27 34.83
CA ARG B 24 17.28 7.43 35.45
C ARG B 24 18.38 6.68 34.67
N ASP B 25 18.99 5.63 35.24
CA ASP B 25 19.87 4.74 34.47
C ASP B 25 19.36 3.32 34.66
N ARG B 26 18.11 3.15 34.25
CA ARG B 26 17.46 1.85 34.14
C ARG B 26 17.05 1.67 32.70
N PRO B 27 17.50 0.59 32.04
CA PRO B 27 16.94 0.31 30.72
C PRO B 27 15.47 -0.10 30.77
N VAL B 28 14.85 -0.20 29.61
CA VAL B 28 13.56 -0.86 29.47
C VAL B 28 13.89 -2.31 29.19
N THR B 29 13.41 -3.22 30.03
CA THR B 29 13.60 -4.64 29.80
C THR B 29 12.46 -5.14 28.94
N VAL B 30 12.81 -5.85 27.87
CA VAL B 30 11.85 -6.41 26.96
C VAL B 30 12.04 -7.92 26.95
N TYR B 31 10.99 -8.63 27.38
CA TYR B 31 11.00 -10.08 27.37
C TYR B 31 10.49 -10.56 26.02
N PHE B 32 11.26 -11.43 25.35
CA PHE B 32 10.98 -11.85 23.98
C PHE B 32 10.95 -13.36 23.88
N SER B 33 9.98 -13.87 23.17
CA SER B 33 9.76 -15.29 23.00
C SER B 33 9.00 -15.56 21.71
N LEU B 34 8.87 -16.83 21.37
CA LEU B 34 8.44 -17.24 20.05
C LEU B 34 7.69 -18.57 20.09
N SER B 35 6.70 -18.72 19.22
CA SER B 35 6.16 -20.05 18.89
C SER B 35 6.18 -20.28 17.38
N LEU B 36 6.87 -21.32 16.92
CA LEU B 36 6.83 -21.69 15.50
C LEU B 36 5.52 -22.40 15.24
N LEU B 37 4.71 -21.86 14.31
CA LEU B 37 3.38 -22.42 14.03
C LEU B 37 3.40 -23.36 12.83
N GLN B 38 4.07 -22.94 11.74
CA GLN B 38 4.09 -23.76 10.52
C GLN B 38 5.25 -23.39 9.60
N ILE B 39 5.82 -24.41 8.97
CA ILE B 39 6.74 -24.23 7.85
C ILE B 39 5.92 -24.44 6.59
N MET B 40 5.81 -23.41 5.77
CA MET B 40 4.87 -23.41 4.63
C MET B 40 5.51 -24.00 3.36
N ASP B 41 6.73 -23.58 3.08
CA ASP B 41 7.44 -24.03 1.89
C ASP B 41 8.93 -23.78 2.04
N VAL B 42 9.71 -24.50 1.22
CA VAL B 42 11.15 -24.28 1.11
C VAL B 42 11.53 -24.14 -0.37
N ASP B 43 12.37 -23.15 -0.68
CA ASP B 43 12.94 -22.97 -2.01
C ASP B 43 14.38 -23.50 -1.98
N GLU B 44 14.58 -24.68 -2.53
CA GLU B 44 15.89 -25.34 -2.50
C GLU B 44 16.91 -24.66 -3.41
N LYS B 45 16.46 -24.11 -4.54
CA LYS B 45 17.37 -23.42 -5.48
C LYS B 45 17.83 -22.06 -4.95
N ASN B 46 16.91 -21.27 -4.40
CA ASN B 46 17.25 -19.92 -3.92
C ASN B 46 17.59 -19.85 -2.42
N GLN B 47 17.59 -21.00 -1.71
CA GLN B 47 17.94 -21.10 -0.28
C GLN B 47 17.09 -20.18 0.64
N VAL B 48 15.77 -20.37 0.55
CA VAL B 48 14.79 -19.57 1.26
C VAL B 48 13.78 -20.48 1.97
N VAL B 49 13.32 -20.02 3.13
CA VAL B 49 12.32 -20.71 3.92
C VAL B 49 11.15 -19.76 4.19
N ASP B 50 9.94 -20.30 4.11
CA ASP B 50 8.66 -19.58 4.30
C ASP B 50 7.98 -20.13 5.55
N VAL B 51 7.73 -19.28 6.54
CA VAL B 51 7.14 -19.70 7.83
C VAL B 51 6.04 -18.80 8.36
N VAL B 52 5.26 -19.36 9.30
CA VAL B 52 4.40 -18.56 10.17
C VAL B 52 4.88 -18.71 11.61
N ILE B 53 5.21 -17.58 12.23
CA ILE B 53 5.65 -17.58 13.62
C ILE B 53 4.94 -16.54 14.47
N TRP B 54 4.80 -16.86 15.76
CA TRP B 54 4.03 -16.07 16.70
C TRP B 54 4.99 -15.49 17.73
N LEU B 55 5.31 -14.21 17.56
CA LEU B 55 6.23 -13.49 18.45
C LEU B 55 5.49 -13.02 19.70
N GLN B 56 6.19 -12.99 20.81
CA GLN B 56 5.63 -12.65 22.12
C GLN B 56 6.53 -11.68 22.85
N MET B 57 6.09 -10.44 22.96
CA MET B 57 6.87 -9.35 23.54
C MET B 57 6.14 -8.72 24.73
N SER B 58 6.91 -8.51 25.80
CA SER B 58 6.40 -7.93 27.00
C SER B 58 7.41 -6.92 27.55
N TRP B 59 6.92 -5.77 28.01
CA TRP B 59 7.78 -4.76 28.64
C TRP B 59 6.95 -3.89 29.60
N THR B 60 7.60 -2.90 30.22
CA THR B 60 6.93 -1.98 31.13
C THR B 60 7.21 -0.53 30.75
N ASP B 61 6.12 0.24 30.65
CA ASP B 61 6.17 1.63 30.25
C ASP B 61 5.65 2.42 31.43
N HIS B 62 6.56 3.02 32.20
CA HIS B 62 6.18 3.71 33.43
C HIS B 62 5.31 4.96 33.19
N TYR B 63 5.15 5.41 31.94
CA TYR B 63 4.19 6.46 31.60
C TYR B 63 2.74 5.99 31.39
N LEU B 64 2.51 4.68 31.33
CA LEU B 64 1.17 4.13 31.07
C LEU B 64 0.54 3.50 32.31
N GLN B 65 0.86 4.03 33.49
CA GLN B 65 0.32 3.46 34.73
C GLN B 65 -0.75 4.40 35.28
N TRP B 66 -1.73 3.83 35.98
CA TRP B 66 -2.82 4.62 36.58
C TRP B 66 -3.30 4.00 37.88
N ASN B 67 -3.99 4.81 38.69
CA ASN B 67 -4.55 4.33 39.97
C ASN B 67 -5.90 3.67 39.71
N VAL B 68 -5.96 2.35 39.92
CA VAL B 68 -7.18 1.57 39.66
C VAL B 68 -8.36 1.96 40.57
N SER B 69 -8.08 2.56 41.72
CA SER B 69 -9.14 3.14 42.56
C SER B 69 -9.79 4.35 41.90
N GLU B 70 -9.02 5.14 41.15
CA GLU B 70 -9.55 6.29 40.39
C GLU B 70 -10.34 5.92 39.11
N TYR B 71 -10.03 4.75 38.53
CA TYR B 71 -10.71 4.27 37.33
C TYR B 71 -11.25 2.86 37.61
N PRO B 72 -12.35 2.79 38.39
CA PRO B 72 -12.81 1.51 38.93
C PRO B 72 -13.34 0.58 37.85
N GLY B 73 -13.01 -0.71 37.97
CA GLY B 73 -13.32 -1.70 36.95
C GLY B 73 -12.33 -1.76 35.81
N VAL B 74 -11.46 -0.75 35.68
CA VAL B 74 -10.51 -0.65 34.57
C VAL B 74 -9.22 -1.34 34.97
N LYS B 75 -9.19 -2.65 34.77
CA LYS B 75 -8.05 -3.50 35.12
C LYS B 75 -7.00 -3.45 34.02
N GLN B 76 -7.44 -3.65 32.78
CA GLN B 76 -6.55 -3.64 31.62
C GLN B 76 -7.27 -3.05 30.41
N VAL B 77 -6.50 -2.47 29.48
CA VAL B 77 -7.05 -1.83 28.28
C VAL B 77 -6.37 -2.35 27.00
N SER B 78 -7.12 -2.24 25.91
CA SER B 78 -6.72 -2.71 24.59
C SER B 78 -6.39 -1.48 23.72
N VAL B 79 -5.10 -1.27 23.40
CA VAL B 79 -4.65 -0.05 22.70
C VAL B 79 -3.99 -0.43 21.37
N PRO B 80 -4.22 0.37 20.30
CA PRO B 80 -3.50 0.13 19.04
C PRO B 80 -2.02 0.47 19.19
N ILE B 81 -1.18 -0.47 18.77
CA ILE B 81 0.27 -0.40 18.96
C ILE B 81 0.89 0.85 18.31
N SER B 82 0.26 1.35 17.26
CA SER B 82 0.63 2.64 16.64
C SER B 82 0.71 3.83 17.59
N SER B 83 0.01 3.80 18.72
CA SER B 83 0.00 4.94 19.65
C SER B 83 0.82 4.72 20.93
N LEU B 84 1.68 3.70 20.92
CA LEU B 84 2.63 3.43 22.00
C LEU B 84 4.05 3.43 21.48
N TRP B 85 5.00 3.50 22.40
CA TRP B 85 6.36 3.10 22.07
C TRP B 85 6.36 1.58 21.97
N LYS B 86 7.06 1.09 20.95
CA LYS B 86 7.14 -0.32 20.63
C LYS B 86 8.64 -0.59 20.46
N PRO B 87 9.12 -1.75 20.93
CA PRO B 87 10.54 -2.02 20.67
C PRO B 87 10.80 -2.29 19.18
N ASP B 88 11.95 -1.83 18.67
CA ASP B 88 12.29 -1.88 17.25
C ASP B 88 13.02 -3.16 16.86
N ILE B 89 12.42 -4.28 17.16
CA ILE B 89 13.08 -5.58 16.98
C ILE B 89 12.97 -6.02 15.53
N LEU B 90 13.99 -6.71 15.02
CA LEU B 90 13.87 -7.33 13.71
C LEU B 90 14.58 -8.67 13.56
N LEU B 91 14.20 -9.39 12.51
CA LEU B 91 14.81 -10.65 12.11
C LEU B 91 15.96 -10.41 11.13
N TYR B 92 17.19 -10.62 11.54
CA TYR B 92 18.34 -10.28 10.68
C TYR B 92 18.44 -11.11 9.38
N ASN B 93 17.78 -12.28 9.36
CA ASN B 93 17.83 -13.22 8.22
C ASN B 93 16.82 -12.92 7.09
N ALA B 94 15.94 -11.95 7.31
CA ALA B 94 14.80 -11.73 6.43
C ALA B 94 15.22 -11.09 5.13
N ILE B 95 14.53 -11.51 4.06
CA ILE B 95 14.76 -11.06 2.69
C ILE B 95 13.48 -10.46 2.04
N GLU B 96 12.48 -10.19 2.87
CA GLU B 96 11.17 -9.66 2.47
C GLU B 96 10.62 -9.03 3.73
N ARG B 97 9.66 -8.12 3.63
CA ARG B 97 9.08 -7.52 4.84
C ARG B 97 8.16 -8.55 5.51
N PRO B 98 7.85 -8.37 6.81
CA PRO B 98 6.90 -9.28 7.45
C PRO B 98 5.45 -8.99 7.04
N GLU B 99 4.65 -10.05 6.82
CA GLU B 99 3.18 -9.88 6.69
C GLU B 99 2.55 -10.17 8.05
N VAL B 100 1.96 -9.15 8.68
CA VAL B 100 1.37 -9.27 10.02
C VAL B 100 -0.06 -9.82 9.96
N LEU B 101 -0.29 -10.98 10.56
CA LEU B 101 -1.58 -11.67 10.48
C LEU B 101 -2.59 -11.26 11.55
N THR B 102 -2.10 -10.87 12.73
CA THR B 102 -2.96 -10.45 13.84
C THR B 102 -3.32 -8.97 13.79
N PRO B 103 -4.39 -8.58 14.48
CA PRO B 103 -4.68 -7.19 14.80
C PRO B 103 -3.52 -6.49 15.46
N GLN B 104 -3.29 -5.23 15.12
CA GLN B 104 -2.15 -4.47 15.63
C GLN B 104 -2.53 -3.78 16.93
N LEU B 105 -2.75 -4.60 17.95
CA LEU B 105 -3.20 -4.18 19.26
C LEU B 105 -2.33 -4.78 20.37
N ALA B 106 -2.22 -4.02 21.46
CA ALA B 106 -1.52 -4.47 22.65
C ALA B 106 -2.41 -4.31 23.89
N LEU B 107 -2.15 -5.19 24.87
CA LEU B 107 -2.81 -5.14 26.17
C LEU B 107 -1.95 -4.38 27.16
N VAL B 108 -2.56 -3.49 27.95
CA VAL B 108 -1.83 -2.73 28.97
C VAL B 108 -2.53 -2.83 30.33
N ASN B 109 -1.82 -3.22 31.39
CA ASN B 109 -2.45 -3.21 32.72
C ASN B 109 -2.12 -1.94 33.53
N SER B 110 -2.68 -1.84 34.74
CA SER B 110 -2.60 -0.63 35.55
C SER B 110 -1.20 -0.28 36.05
N SER B 111 -0.31 -1.27 36.09
CA SER B 111 1.13 -1.05 36.42
C SER B 111 1.92 -0.35 35.32
N GLY B 112 1.38 -0.36 34.10
CA GLY B 112 2.10 0.06 32.93
C GLY B 112 2.76 -1.11 32.22
N HIS B 113 2.37 -2.34 32.55
CA HIS B 113 2.93 -3.49 31.84
C HIS B 113 2.21 -3.68 30.51
N VAL B 114 3.00 -3.83 29.44
CA VAL B 114 2.49 -3.91 28.07
C VAL B 114 2.74 -5.29 27.47
N GLN B 115 1.79 -5.75 26.66
CA GLN B 115 1.90 -7.07 26.03
C GLN B 115 1.48 -6.98 24.58
N TYR B 116 2.35 -7.45 23.68
CA TYR B 116 2.13 -7.34 22.24
C TYR B 116 2.60 -8.63 21.57
N LEU B 117 1.71 -9.32 20.86
CA LEU B 117 1.95 -10.72 20.44
C LEU B 117 1.70 -10.94 18.95
N PRO B 118 2.40 -10.22 18.09
CA PRO B 118 2.10 -10.32 16.67
C PRO B 118 2.38 -11.70 16.09
N SER B 119 1.49 -12.18 15.22
CA SER B 119 1.74 -13.41 14.44
C SER B 119 2.09 -12.99 13.02
N ILE B 120 3.14 -13.61 12.47
CA ILE B 120 3.75 -13.14 11.21
C ILE B 120 4.08 -14.23 10.22
N ARG B 121 3.78 -13.93 8.95
CA ARG B 121 4.24 -14.71 7.81
C ARG B 121 5.50 -14.02 7.31
N GLN B 122 6.57 -14.82 7.17
CA GLN B 122 7.93 -14.32 6.91
C GLN B 122 8.77 -15.27 6.07
N ARG B 123 9.42 -14.76 5.02
CA ARG B 123 10.40 -15.53 4.25
C ARG B 123 11.81 -15.11 4.65
N PHE B 124 12.72 -16.08 4.83
CA PHE B 124 14.09 -15.74 5.25
C PHE B 124 15.14 -16.66 4.66
N SER B 125 16.39 -16.22 4.77
CA SER B 125 17.53 -16.89 4.15
C SER B 125 18.06 -18.04 5.02
N CYS B 126 18.22 -19.23 4.43
CA CYS B 126 18.85 -20.35 5.13
C CYS B 126 19.40 -21.42 4.18
N ASP B 127 20.55 -22.00 4.53
CA ASP B 127 21.10 -23.16 3.82
C ASP B 127 20.24 -24.37 4.15
N VAL B 128 19.50 -24.83 3.14
CA VAL B 128 18.54 -25.92 3.30
C VAL B 128 18.86 -27.09 2.37
N SER B 129 20.15 -27.27 2.07
CA SER B 129 20.60 -28.38 1.21
C SER B 129 20.35 -29.74 1.89
N GLY B 130 20.49 -29.80 3.21
CA GLY B 130 20.27 -31.02 3.97
C GLY B 130 18.82 -31.38 4.31
N VAL B 131 17.87 -30.58 3.84
CA VAL B 131 16.43 -30.74 4.16
C VAL B 131 15.84 -32.10 3.73
N ASP B 132 16.47 -32.72 2.72
CA ASP B 132 16.07 -34.02 2.24
C ASP B 132 16.98 -35.17 2.74
N THR B 133 17.54 -35.04 3.94
CA THR B 133 18.36 -36.09 4.55
C THR B 133 17.81 -36.48 5.93
N GLU B 134 18.39 -37.52 6.52
CA GLU B 134 17.97 -38.02 7.83
C GLU B 134 18.22 -36.99 8.93
N SER B 135 19.41 -36.41 8.92
CA SER B 135 19.82 -35.39 9.90
C SER B 135 19.14 -34.03 9.67
N GLY B 136 18.75 -33.75 8.43
CA GLY B 136 17.90 -32.58 8.12
C GLY B 136 18.66 -31.29 7.89
N ALA B 137 17.93 -30.18 7.96
CA ALA B 137 18.48 -28.84 7.71
C ALA B 137 18.21 -27.92 8.90
N THR B 138 19.27 -27.22 9.33
CA THR B 138 19.21 -26.33 10.48
C THR B 138 19.19 -24.88 10.04
N CYS B 139 18.31 -24.07 10.62
CA CYS B 139 18.27 -22.64 10.30
C CYS B 139 18.23 -21.79 11.54
N LYS B 140 18.84 -20.61 11.45
CA LYS B 140 18.88 -19.66 12.55
C LYS B 140 17.95 -18.49 12.29
N LEU B 141 17.39 -17.96 13.37
CA LEU B 141 16.58 -16.76 13.35
C LEU B 141 17.06 -15.83 14.44
N LYS B 142 17.84 -14.85 14.03
CA LYS B 142 18.42 -13.87 14.93
C LYS B 142 17.50 -12.66 15.02
N PHE B 143 17.01 -12.39 16.23
CA PHE B 143 16.25 -11.18 16.52
C PHE B 143 17.01 -10.20 17.42
N GLY B 144 16.79 -8.92 17.17
CA GLY B 144 17.28 -7.86 18.04
C GLY B 144 16.86 -6.46 17.63
N SER B 145 17.12 -5.50 18.53
CA SER B 145 16.81 -4.06 18.28
C SER B 145 17.71 -3.50 17.19
N TRP B 146 17.11 -2.69 16.32
CA TRP B 146 17.84 -2.01 15.25
C TRP B 146 18.67 -0.81 15.74
N THR B 147 18.14 0.00 16.66
CA THR B 147 18.85 1.23 17.10
C THR B 147 19.26 1.30 18.57
N HIS B 148 18.78 0.40 19.44
CA HIS B 148 19.01 0.53 20.90
C HIS B 148 20.01 -0.49 21.48
N HIS B 149 20.97 0.01 22.25
CA HIS B 149 21.98 -0.81 22.94
C HIS B 149 21.52 -1.25 24.34
N SER B 150 22.30 -2.13 24.99
CA SER B 150 21.92 -2.70 26.30
C SER B 150 21.52 -1.71 27.40
N ARG B 151 22.22 -0.59 27.51
CA ARG B 151 21.91 0.42 28.54
C ARG B 151 20.58 1.16 28.33
N GLU B 152 20.00 1.07 27.12
CA GLU B 152 18.66 1.60 26.83
C GLU B 152 17.56 0.51 26.79
N LEU B 153 17.83 -0.58 26.07
CA LEU B 153 16.85 -1.67 25.88
C LEU B 153 17.47 -3.03 26.19
N ASP B 154 17.10 -3.58 27.35
CA ASP B 154 17.60 -4.87 27.82
C ASP B 154 16.76 -6.01 27.26
N LEU B 155 17.24 -6.61 26.18
CA LEU B 155 16.57 -7.75 25.57
C LEU B 155 16.78 -9.00 26.44
N GLN B 156 15.70 -9.70 26.77
CA GLN B 156 15.76 -10.92 27.58
C GLN B 156 14.87 -12.02 27.00
N MET B 157 15.39 -13.23 26.83
CA MET B 157 14.56 -14.28 26.24
C MET B 157 13.71 -14.98 27.26
N GLN B 158 12.68 -15.66 26.79
CA GLN B 158 11.85 -16.55 27.59
C GLN B 158 11.62 -17.82 26.79
N GLU B 159 11.24 -18.89 27.49
CA GLU B 159 11.29 -20.21 26.91
C GLU B 159 10.16 -20.41 25.90
N ALA B 160 10.56 -20.86 24.70
CA ALA B 160 9.71 -20.89 23.52
C ALA B 160 8.91 -22.19 23.40
N ASP B 161 7.98 -22.24 22.45
CA ASP B 161 7.11 -23.38 22.23
C ASP B 161 7.22 -23.98 20.81
N ILE B 162 6.90 -25.27 20.73
CA ILE B 162 6.48 -25.92 19.50
C ILE B 162 5.15 -26.71 19.72
N SER B 163 4.41 -26.39 20.78
CA SER B 163 3.13 -27.05 21.05
C SER B 163 2.06 -26.60 20.06
N GLY B 164 2.25 -25.43 19.45
CA GLY B 164 1.40 -24.96 18.37
C GLY B 164 1.75 -25.44 16.97
N TYR B 165 2.82 -26.22 16.80
CA TYR B 165 3.22 -26.64 15.43
C TYR B 165 2.12 -27.45 14.73
N ILE B 166 2.01 -27.25 13.43
CA ILE B 166 0.97 -27.91 12.62
C ILE B 166 1.40 -29.35 12.25
N PRO B 167 0.55 -30.34 12.52
CA PRO B 167 0.87 -31.74 12.19
C PRO B 167 0.82 -32.09 10.70
N TYR B 168 -0.05 -31.43 9.93
CA TYR B 168 -0.28 -31.81 8.52
C TYR B 168 0.67 -31.15 7.50
N SER B 169 1.63 -30.32 7.94
CA SER B 169 2.65 -29.77 7.02
C SER B 169 3.60 -30.88 6.62
N ARG B 170 4.19 -30.77 5.43
CA ARG B 170 5.08 -31.83 4.90
C ARG B 170 6.52 -31.80 5.43
N PHE B 171 6.79 -30.89 6.37
CA PHE B 171 8.05 -30.84 7.10
C PHE B 171 7.84 -31.28 8.55
N GLU B 172 8.72 -32.13 9.08
CA GLU B 172 8.68 -32.46 10.52
C GLU B 172 9.84 -31.78 11.25
N LEU B 173 9.66 -31.50 12.53
CA LEU B 173 10.73 -30.90 13.35
C LEU B 173 11.62 -31.97 13.96
N VAL B 174 12.93 -31.81 13.82
CA VAL B 174 13.89 -32.69 14.48
C VAL B 174 14.39 -32.07 15.79
N GLY B 175 14.50 -30.74 15.85
CA GLY B 175 14.79 -30.05 17.12
C GLY B 175 14.71 -28.54 17.07
N VAL B 176 14.58 -27.94 18.25
CA VAL B 176 14.75 -26.48 18.40
C VAL B 176 15.72 -26.18 19.55
N THR B 177 16.29 -24.98 19.50
CA THR B 177 17.10 -24.45 20.59
C THR B 177 17.08 -22.93 20.54
N GLN B 178 17.41 -22.29 21.66
CA GLN B 178 17.41 -20.82 21.75
C GLN B 178 18.55 -20.32 22.61
N LYS B 179 19.05 -19.13 22.31
CA LYS B 179 20.21 -18.58 22.99
C LYS B 179 20.24 -17.06 22.96
N ARG B 180 20.39 -16.44 24.13
CA ARG B 180 20.63 -15.00 24.21
C ARG B 180 22.13 -14.78 24.13
N SER B 181 22.53 -13.74 23.40
CA SER B 181 23.92 -13.35 23.30
C SER B 181 24.06 -11.85 23.47
N GLU B 182 25.22 -11.41 23.98
CA GLU B 182 25.57 -10.00 24.06
C GLU B 182 26.97 -9.84 23.44
N ARG B 183 27.12 -8.77 22.66
CA ARG B 183 28.31 -8.54 21.89
C ARG B 183 28.75 -7.10 21.77
N PHE B 184 30.05 -6.94 21.55
CA PHE B 184 30.64 -5.69 21.05
C PHE B 184 31.01 -5.88 19.58
N TYR B 185 30.81 -4.82 18.79
CA TYR B 185 31.24 -4.74 17.38
C TYR B 185 32.12 -3.48 17.27
N GLU B 186 32.97 -3.39 16.25
CA GLU B 186 33.82 -2.19 16.05
C GLU B 186 33.00 -0.89 15.97
N CYS B 187 31.86 -0.94 15.25
CA CYS B 187 30.98 0.22 15.06
C CYS B 187 30.83 1.08 16.31
N CYS B 188 30.35 0.45 17.36
CA CYS B 188 29.66 1.10 18.44
C CYS B 188 30.41 0.79 19.75
N LYS B 189 30.51 1.78 20.66
CA LYS B 189 31.24 1.56 21.92
C LYS B 189 30.47 0.79 23.01
N GLU B 190 29.14 0.71 22.88
CA GLU B 190 28.24 -0.01 23.83
C GLU B 190 27.95 -1.42 23.33
N PRO B 191 27.44 -2.33 24.19
CA PRO B 191 27.08 -3.68 23.74
C PRO B 191 25.64 -3.86 23.22
N TYR B 192 25.46 -4.83 22.32
CA TYR B 192 24.17 -5.12 21.68
C TYR B 192 23.69 -6.55 21.91
N PRO B 193 22.52 -6.71 22.58
CA PRO B 193 22.00 -8.05 22.84
C PRO B 193 21.10 -8.57 21.73
N ASP B 194 21.28 -9.83 21.33
CA ASP B 194 20.36 -10.51 20.40
C ASP B 194 19.80 -11.77 21.04
N VAL B 195 18.70 -12.24 20.47
CA VAL B 195 18.12 -13.54 20.84
C VAL B 195 17.98 -14.38 19.57
N THR B 196 18.58 -15.56 19.56
CA THR B 196 18.59 -16.40 18.35
C THR B 196 17.89 -17.75 18.58
N PHE B 197 16.97 -18.10 17.69
CA PHE B 197 16.25 -19.37 17.73
C PHE B 197 16.72 -20.23 16.58
N THR B 198 17.05 -21.48 16.87
CA THR B 198 17.55 -22.40 15.87
C THR B 198 16.55 -23.53 15.71
N VAL B 199 16.19 -23.82 14.46
CA VAL B 199 15.23 -24.87 14.13
C VAL B 199 15.84 -25.85 13.14
N THR B 200 15.89 -27.13 13.51
CA THR B 200 16.26 -28.18 12.57
C THR B 200 15.00 -28.90 12.14
N PHE B 201 14.80 -28.99 10.83
CA PHE B 201 13.65 -29.67 10.25
C PHE B 201 14.04 -30.49 9.03
N ARG B 202 13.12 -31.32 8.58
CA ARG B 202 13.33 -32.14 7.39
C ARG B 202 12.02 -32.54 6.74
N LYS B 203 12.15 -32.92 5.48
CA LYS B 203 10.99 -33.29 4.67
C LYS B 203 10.55 -34.71 4.99
N LYS B 204 9.24 -34.90 5.14
CA LYS B 204 8.69 -36.22 5.54
C LYS B 204 8.78 -37.28 4.44
N GLY B 205 8.69 -36.85 3.18
CA GLY B 205 9.03 -37.67 2.02
C GLY B 205 10.28 -37.09 1.37
N GLY C 1 14.25 9.09 28.12
CA GLY C 1 13.04 9.11 28.98
C GLY C 1 12.41 10.49 29.09
N GLU C 2 12.54 11.10 30.26
CA GLU C 2 12.00 12.44 30.53
C GLU C 2 12.74 13.50 29.72
N PHE C 3 14.08 13.44 29.76
CA PHE C 3 14.88 14.41 29.04
C PHE C 3 14.76 14.27 27.52
N GLN C 4 14.73 13.02 27.03
CA GLN C 4 14.51 12.75 25.59
C GLN C 4 13.20 13.33 25.09
N ARG C 5 12.15 13.21 25.89
CA ARG C 5 10.85 13.77 25.56
C ARG C 5 10.92 15.32 25.51
N LYS C 6 11.62 15.95 26.43
CA LYS C 6 11.81 17.42 26.38
C LYS C 6 12.61 17.83 25.13
N LEU C 7 13.63 17.03 24.81
CA LEU C 7 14.50 17.28 23.65
C LEU C 7 13.75 17.22 22.32
N TYR C 8 12.92 16.18 22.11
CA TYR C 8 12.13 16.07 20.88
C TYR C 8 11.18 17.26 20.73
N LYS C 9 10.67 17.76 21.85
CA LYS C 9 9.79 18.94 21.84
C LYS C 9 10.53 20.19 21.37
N GLU C 10 11.76 20.36 21.82
CA GLU C 10 12.62 21.46 21.34
C GLU C 10 13.13 21.26 19.90
N LEU C 11 13.45 20.03 19.50
CA LEU C 11 13.95 19.77 18.14
C LEU C 11 12.92 19.96 17.02
N VAL C 12 11.65 19.63 17.27
CA VAL C 12 10.60 19.84 16.25
C VAL C 12 10.31 21.32 15.96
N LYS C 13 10.54 22.21 16.94
CA LYS C 13 10.24 23.63 16.77
C LYS C 13 11.03 24.19 15.60
N ASN C 14 10.29 24.72 14.61
CA ASN C 14 10.86 25.30 13.39
C ASN C 14 11.58 24.34 12.43
N TYR C 15 11.61 23.04 12.71
CA TYR C 15 12.29 22.10 11.81
C TYR C 15 11.38 21.75 10.65
N ASN C 16 11.85 21.93 9.43
CA ASN C 16 11.10 21.58 8.22
C ASN C 16 11.94 20.55 7.47
N PRO C 17 11.51 19.27 7.47
CA PRO C 17 12.29 18.20 6.85
C PRO C 17 12.29 18.15 5.33
N ASP C 18 11.56 19.05 4.67
CA ASP C 18 11.63 19.18 3.20
C ASP C 18 12.77 20.09 2.74
N VAL C 19 13.40 20.82 3.68
CA VAL C 19 14.53 21.69 3.35
C VAL C 19 15.89 21.05 3.70
N ILE C 20 16.77 21.00 2.70
CA ILE C 20 18.15 20.56 2.89
C ILE C 20 18.87 21.50 3.86
N PRO C 21 19.57 20.95 4.88
CA PRO C 21 20.16 21.76 5.96
C PRO C 21 21.57 22.29 5.66
N THR C 22 21.68 23.11 4.61
CA THR C 22 22.93 23.76 4.24
C THR C 22 23.12 25.00 5.10
N GLN C 23 24.31 25.60 4.97
CA GLN C 23 24.71 26.74 5.80
C GLN C 23 25.79 27.57 5.09
N ARG C 24 25.66 28.91 5.16
CA ARG C 24 26.59 29.88 4.50
C ARG C 24 26.90 29.42 3.05
N ASP C 25 28.15 29.06 2.73
CA ASP C 25 28.48 28.44 1.45
C ASP C 25 29.17 27.12 1.72
N ARG C 26 28.49 26.28 2.49
CA ARG C 26 28.94 24.94 2.81
C ARG C 26 27.87 23.98 2.34
N PRO C 27 28.24 23.00 1.51
CA PRO C 27 27.27 21.93 1.23
C PRO C 27 27.00 21.04 2.45
N VAL C 28 26.01 20.16 2.33
CA VAL C 28 25.85 19.04 3.25
C VAL C 28 26.66 17.92 2.65
N THR C 29 27.65 17.42 3.39
CA THR C 29 28.43 16.29 2.95
C THR C 29 27.74 15.01 3.39
N VAL C 30 27.53 14.10 2.44
CA VAL C 30 26.89 12.83 2.69
C VAL C 30 27.88 11.73 2.36
N TYR C 31 28.24 10.96 3.38
CA TYR C 31 29.15 9.82 3.21
C TYR C 31 28.30 8.59 2.89
N PHE C 32 28.66 7.92 1.81
CA PHE C 32 27.85 6.81 1.27
C PHE C 32 28.70 5.57 1.07
N SER C 33 28.15 4.43 1.47
CA SER C 33 28.86 3.17 1.41
C SER C 33 27.86 2.03 1.38
N LEU C 34 28.35 0.82 1.20
CA LEU C 34 27.52 -0.30 0.83
C LEU C 34 28.12 -1.62 1.32
N SER C 35 27.26 -2.56 1.72
CA SER C 35 27.67 -3.96 1.86
C SER C 35 26.75 -4.86 1.05
N LEU C 36 27.31 -5.63 0.11
CA LEU C 36 26.54 -6.63 -0.64
C LEU C 36 26.35 -7.84 0.27
N LEU C 37 25.08 -8.20 0.53
CA LEU C 37 24.79 -9.29 1.47
C LEU C 37 24.50 -10.60 0.73
N GLN C 38 23.69 -10.53 -0.33
CA GLN C 38 23.37 -11.74 -1.09
C GLN C 38 22.91 -11.44 -2.50
N ILE C 39 23.29 -12.31 -3.44
CA ILE C 39 22.71 -12.34 -4.78
C ILE C 39 21.68 -13.45 -4.75
N MET C 40 20.41 -13.09 -4.96
CA MET C 40 19.29 -14.01 -4.76
C MET C 40 18.97 -14.83 -6.02
N ASP C 41 18.94 -14.15 -7.16
CA ASP C 41 18.63 -14.79 -8.43
C ASP C 41 19.13 -13.92 -9.58
N VAL C 42 19.27 -14.57 -10.74
CA VAL C 42 19.58 -13.88 -11.99
C VAL C 42 18.58 -14.35 -13.06
N ASP C 43 18.03 -13.39 -13.82
CA ASP C 43 17.15 -13.67 -14.95
C ASP C 43 17.99 -13.47 -16.22
N GLU C 44 18.41 -14.58 -16.83
CA GLU C 44 19.28 -14.55 -18.02
C GLU C 44 18.54 -14.04 -19.26
N LYS C 45 17.25 -14.37 -19.38
CA LYS C 45 16.44 -13.94 -20.52
C LYS C 45 16.11 -12.44 -20.48
N ASN C 46 15.72 -11.92 -19.32
CA ASN C 46 15.34 -10.51 -19.19
C ASN C 46 16.49 -9.57 -18.73
N GLN C 47 17.68 -10.11 -18.51
CA GLN C 47 18.89 -9.35 -18.09
C GLN C 47 18.69 -8.54 -16.79
N VAL C 48 18.31 -9.26 -15.74
CA VAL C 48 17.98 -8.69 -14.44
C VAL C 48 18.70 -9.44 -13.33
N VAL C 49 19.08 -8.70 -12.29
CA VAL C 49 19.72 -9.27 -11.12
C VAL C 49 18.92 -8.87 -9.87
N ASP C 50 18.76 -9.82 -8.96
CA ASP C 50 18.01 -9.67 -7.70
C ASP C 50 18.97 -9.78 -6.53
N VAL C 51 19.05 -8.73 -5.70
CA VAL C 51 20.01 -8.67 -4.59
C VAL C 51 19.44 -8.16 -3.27
N VAL C 52 20.16 -8.47 -2.18
CA VAL C 52 19.99 -7.78 -0.91
C VAL C 52 21.27 -7.01 -0.59
N ILE C 53 21.11 -5.69 -0.43
CA ILE C 53 22.24 -4.83 -0.09
C ILE C 53 21.94 -3.91 1.08
N TRP C 54 23.01 -3.59 1.81
CA TRP C 54 22.93 -2.81 3.03
C TRP C 54 23.60 -1.47 2.79
N LEU C 55 22.78 -0.44 2.59
CA LEU C 55 23.28 0.91 2.33
C LEU C 55 23.63 1.60 3.63
N GLN C 56 24.65 2.45 3.59
CA GLN C 56 25.17 3.13 4.77
C GLN C 56 25.38 4.61 4.47
N MET C 57 24.54 5.45 5.04
CA MET C 57 24.54 6.88 4.81
C MET C 57 24.74 7.67 6.09
N SER C 58 25.62 8.66 6.01
CA SER C 58 25.95 9.50 7.13
C SER C 58 26.07 10.95 6.67
N TRP C 59 25.53 11.88 7.45
CA TRP C 59 25.65 13.31 7.20
C TRP C 59 25.52 14.14 8.46
N THR C 60 25.58 15.46 8.35
CA THR C 60 25.45 16.36 9.50
C THR C 60 24.39 17.42 9.27
N ASP C 61 23.50 17.54 10.24
CA ASP C 61 22.37 18.47 10.18
C ASP C 61 22.57 19.42 11.34
N HIS C 62 23.04 20.63 11.03
CA HIS C 62 23.33 21.62 12.09
C HIS C 62 22.12 22.07 12.91
N TYR C 63 20.91 21.75 12.44
CA TYR C 63 19.69 22.04 13.21
C TYR C 63 19.34 20.98 14.26
N LEU C 64 20.03 19.82 14.26
CA LEU C 64 19.74 18.73 15.19
C LEU C 64 20.79 18.60 16.28
N GLN C 65 21.43 19.69 16.68
CA GLN C 65 22.48 19.62 17.71
C GLN C 65 21.94 20.17 19.02
N TRP C 66 22.46 19.65 20.13
CA TRP C 66 22.06 20.09 21.47
C TRP C 66 23.23 20.04 22.44
N ASN C 67 23.10 20.76 23.55
CA ASN C 67 24.14 20.76 24.61
C ASN C 67 23.92 19.55 25.53
N VAL C 68 24.85 18.60 25.50
CA VAL C 68 24.74 17.37 26.30
C VAL C 68 24.75 17.63 27.81
N SER C 69 25.32 18.75 28.23
CA SER C 69 25.22 19.19 29.64
C SER C 69 23.79 19.55 30.03
N GLU C 70 23.01 20.13 29.10
CA GLU C 70 21.58 20.44 29.33
C GLU C 70 20.63 19.22 29.30
N TYR C 71 21.03 18.17 28.59
CA TYR C 71 20.23 16.95 28.48
C TYR C 71 21.11 15.76 28.89
N PRO C 72 21.37 15.63 30.21
CA PRO C 72 22.38 14.70 30.71
C PRO C 72 22.00 13.24 30.49
N GLY C 73 22.99 12.43 30.09
CA GLY C 73 22.77 11.05 29.71
C GLY C 73 22.31 10.86 28.27
N VAL C 74 21.87 11.94 27.61
CA VAL C 74 21.32 11.87 26.25
C VAL C 74 22.46 12.07 25.25
N LYS C 75 23.13 10.96 24.96
CA LYS C 75 24.28 10.96 24.06
C LYS C 75 23.83 10.90 22.60
N GLN C 76 22.92 9.96 22.32
CA GLN C 76 22.37 9.80 20.98
C GLN C 76 20.90 9.38 21.05
N VAL C 77 20.14 9.71 20.00
CA VAL C 77 18.69 9.41 19.94
C VAL C 77 18.31 8.68 18.65
N SER C 78 17.22 7.92 18.75
CA SER C 78 16.70 7.10 17.66
C SER C 78 15.41 7.76 17.13
N VAL C 79 15.48 8.30 15.90
CA VAL C 79 14.38 9.10 15.31
C VAL C 79 13.88 8.44 14.02
N PRO C 80 12.55 8.47 13.75
CA PRO C 80 12.06 7.97 12.47
C PRO C 80 12.46 8.89 11.34
N ILE C 81 13.04 8.30 10.30
CA ILE C 81 13.63 9.03 9.17
C ILE C 81 12.61 9.95 8.47
N SER C 82 11.32 9.58 8.53
CA SER C 82 10.24 10.43 8.04
C SER C 82 10.20 11.84 8.61
N SER C 83 10.77 12.09 9.78
CA SER C 83 10.70 13.42 10.40
C SER C 83 12.03 14.20 10.34
N LEU C 84 12.94 13.76 9.47
CA LEU C 84 14.20 14.46 9.19
C LEU C 84 14.32 14.79 7.72
N TRP C 85 15.25 15.67 7.39
CA TRP C 85 15.72 15.75 6.02
C TRP C 85 16.56 14.51 5.75
N LYS C 86 16.38 13.94 4.57
CA LYS C 86 17.04 12.71 4.14
C LYS C 86 17.61 13.02 2.74
N PRO C 87 18.82 12.56 2.44
CA PRO C 87 19.30 12.80 1.08
C PRO C 87 18.50 12.01 0.03
N ASP C 88 18.28 12.60 -1.14
CA ASP C 88 17.45 12.03 -2.20
C ASP C 88 18.22 11.12 -3.17
N ILE C 89 18.91 10.15 -2.62
CA ILE C 89 19.80 9.30 -3.40
C ILE C 89 19.00 8.22 -4.13
N LEU C 90 19.42 7.82 -5.32
CA LEU C 90 18.83 6.64 -5.96
C LEU C 90 19.79 5.79 -6.76
N LEU C 91 19.34 4.56 -7.06
CA LEU C 91 20.08 3.60 -7.91
C LEU C 91 19.65 3.75 -9.35
N TYR C 92 20.51 4.26 -10.22
CA TYR C 92 20.10 4.56 -11.60
C TYR C 92 19.74 3.32 -12.44
N ASN C 93 20.19 2.14 -12.01
CA ASN C 93 19.99 0.87 -12.73
C ASN C 93 18.67 0.15 -12.43
N ALA C 94 17.91 0.68 -11.46
CA ALA C 94 16.77 -0.05 -10.91
C ALA C 94 15.59 -0.02 -11.88
N ILE C 95 14.86 -1.13 -11.88
CA ILE C 95 13.70 -1.37 -12.73
C ILE C 95 12.44 -1.72 -11.90
N GLU C 96 12.51 -1.50 -10.59
CA GLU C 96 11.43 -1.78 -9.62
C GLU C 96 11.77 -0.89 -8.44
N ARG C 97 10.80 -0.58 -7.58
CA ARG C 97 11.10 0.21 -6.38
C ARG C 97 11.88 -0.65 -5.38
N PRO C 98 12.58 -0.02 -4.43
CA PRO C 98 13.26 -0.81 -3.40
C PRO C 98 12.29 -1.36 -2.34
N GLU C 99 12.49 -2.61 -1.90
CA GLU C 99 11.75 -3.14 -0.74
C GLU C 99 12.64 -2.98 0.48
N VAL C 100 12.24 -2.13 1.43
CA VAL C 100 13.07 -1.80 2.61
C VAL C 100 12.84 -2.83 3.73
N LEU C 101 13.90 -3.54 4.12
CA LEU C 101 13.78 -4.63 5.08
C LEU C 101 13.91 -4.18 6.54
N THR C 102 14.69 -3.13 6.78
CA THR C 102 14.93 -2.61 8.13
C THR C 102 13.88 -1.61 8.57
N PRO C 103 13.74 -1.40 9.89
CA PRO C 103 13.00 -0.26 10.44
C PRO C 103 13.48 1.07 9.87
N GLN C 104 12.56 1.99 9.62
CA GLN C 104 12.87 3.28 9.01
C GLN C 104 13.26 4.29 10.08
N LEU C 105 14.41 4.03 10.69
CA LEU C 105 14.94 4.82 11.79
C LEU C 105 16.39 5.24 11.56
N ALA C 106 16.74 6.39 12.12
CA ALA C 106 18.10 6.92 12.06
C ALA C 106 18.60 7.29 13.46
N LEU C 107 19.91 7.18 13.64
CA LEU C 107 20.60 7.58 14.86
C LEU C 107 21.12 9.00 14.72
N VAL C 108 20.94 9.81 15.76
CA VAL C 108 21.44 11.21 15.76
C VAL C 108 22.26 11.48 17.03
N ASN C 109 23.49 11.97 16.91
CA ASN C 109 24.24 12.36 18.12
C ASN C 109 24.14 13.86 18.42
N SER C 110 24.76 14.28 19.53
CA SER C 110 24.61 15.65 20.04
C SER C 110 25.24 16.73 19.15
N SER C 111 26.17 16.35 18.26
CA SER C 111 26.73 17.26 17.24
C SER C 111 25.76 17.60 16.10
N GLY C 112 24.72 16.79 15.95
CA GLY C 112 23.86 16.84 14.80
C GLY C 112 24.30 15.87 13.72
N HIS C 113 25.16 14.92 14.05
CA HIS C 113 25.54 13.90 13.07
C HIS C 113 24.47 12.84 12.99
N VAL C 114 24.05 12.52 11.75
CA VAL C 114 22.94 11.59 11.48
C VAL C 114 23.44 10.32 10.78
N GLN C 115 22.85 9.19 11.11
CA GLN C 115 23.24 7.90 10.56
C GLN C 115 22.01 7.10 10.18
N TYR C 116 21.95 6.63 8.95
CA TYR C 116 20.79 5.92 8.42
C TYR C 116 21.27 4.78 7.53
N LEU C 117 20.89 3.55 7.87
CA LEU C 117 21.52 2.35 7.31
C LEU C 117 20.52 1.33 6.75
N PRO C 118 19.69 1.75 5.79
CA PRO C 118 18.63 0.85 5.33
C PRO C 118 19.19 -0.39 4.63
N SER C 119 18.57 -1.55 4.90
CA SER C 119 18.87 -2.78 4.15
C SER C 119 17.73 -3.01 3.17
N ILE C 120 18.08 -3.32 1.91
CA ILE C 120 17.13 -3.30 0.81
C ILE C 120 17.22 -4.52 -0.11
N ARG C 121 16.03 -5.01 -0.50
CA ARG C 121 15.87 -5.96 -1.58
C ARG C 121 15.57 -5.15 -2.83
N GLN C 122 16.34 -5.40 -3.89
CA GLN C 122 16.34 -4.60 -5.12
C GLN C 122 16.63 -5.41 -6.38
N ARG C 123 15.81 -5.26 -7.41
CA ARG C 123 16.08 -5.84 -8.72
C ARG C 123 16.59 -4.76 -9.66
N PHE C 124 17.63 -5.06 -10.46
CA PHE C 124 18.17 -4.05 -11.37
C PHE C 124 18.68 -4.62 -12.67
N SER C 125 18.92 -3.72 -13.63
CA SER C 125 19.30 -4.09 -14.99
C SER C 125 20.80 -4.35 -15.12
N CYS C 126 21.17 -5.49 -15.70
CA CYS C 126 22.58 -5.79 -16.00
C CYS C 126 22.75 -6.86 -17.08
N ASP C 127 23.75 -6.67 -17.95
CA ASP C 127 24.13 -7.69 -18.92
C ASP C 127 24.83 -8.82 -18.17
N VAL C 128 24.16 -9.97 -18.10
CA VAL C 128 24.63 -11.11 -17.34
C VAL C 128 24.79 -12.34 -18.23
N SER C 129 25.13 -12.11 -19.51
CA SER C 129 25.37 -13.20 -20.46
C SER C 129 26.61 -14.03 -20.06
N GLY C 130 27.63 -13.35 -19.51
CA GLY C 130 28.86 -14.03 -19.07
C GLY C 130 28.81 -14.72 -17.71
N VAL C 131 27.66 -14.71 -17.05
CA VAL C 131 27.50 -15.27 -15.68
C VAL C 131 27.84 -16.76 -15.56
N ASP C 132 27.72 -17.47 -16.69
CA ASP C 132 28.04 -18.89 -16.75
C ASP C 132 29.41 -19.18 -17.41
N THR C 133 30.38 -18.26 -17.25
CA THR C 133 31.75 -18.45 -17.75
C THR C 133 32.77 -18.31 -16.62
N GLU C 134 34.03 -18.60 -16.94
CA GLU C 134 35.12 -18.52 -15.96
C GLU C 134 35.34 -17.08 -15.48
N SER C 135 35.39 -16.15 -16.44
CA SER C 135 35.58 -14.72 -16.16
C SER C 135 34.35 -14.05 -15.53
N GLY C 136 33.17 -14.59 -15.82
CA GLY C 136 31.95 -14.19 -15.11
C GLY C 136 31.24 -12.99 -15.71
N ALA C 137 30.35 -12.38 -14.92
CA ALA C 137 29.54 -11.25 -15.36
C ALA C 137 29.72 -10.06 -14.42
N THR C 138 29.94 -8.88 -15.00
CA THR C 138 30.19 -7.66 -14.25
C THR C 138 28.96 -6.76 -14.30
N CYS C 139 28.56 -6.20 -13.15
CA CYS C 139 27.43 -5.29 -13.10
C CYS C 139 27.78 -4.03 -12.32
N LYS C 140 27.19 -2.92 -12.77
CA LYS C 140 27.40 -1.62 -12.13
C LYS C 140 26.17 -1.21 -11.34
N LEU C 141 26.41 -0.49 -10.24
CA LEU C 141 25.35 0.09 -9.43
C LEU C 141 25.72 1.54 -9.17
N LYS C 142 25.09 2.43 -9.94
CA LYS C 142 25.33 3.85 -9.86
C LYS C 142 24.33 4.48 -8.92
N PHE C 143 24.83 5.08 -7.83
CA PHE C 143 24.01 5.87 -6.92
C PHE C 143 24.32 7.37 -6.99
N GLY C 144 23.29 8.18 -6.79
CA GLY C 144 23.44 9.62 -6.66
C GLY C 144 22.16 10.38 -6.36
N SER C 145 22.31 11.65 -6.00
CA SER C 145 21.17 12.56 -5.72
C SER C 145 20.38 12.85 -6.98
N TRP C 146 19.06 12.85 -6.85
CA TRP C 146 18.15 13.20 -7.94
C TRP C 146 18.09 14.70 -8.25
N THR C 147 18.06 15.57 -7.24
CA THR C 147 17.88 17.01 -7.47
C THR C 147 19.02 17.94 -7.03
N HIS C 148 20.01 17.44 -6.27
CA HIS C 148 21.03 18.33 -5.68
C HIS C 148 22.42 18.23 -6.34
N HIS C 149 23.00 19.39 -6.68
CA HIS C 149 24.37 19.45 -7.27
C HIS C 149 25.46 19.56 -6.18
N SER C 150 26.73 19.47 -6.58
CA SER C 150 27.87 19.50 -5.64
C SER C 150 27.89 20.62 -4.59
N ARG C 151 27.55 21.83 -4.99
CA ARG C 151 27.53 22.98 -4.06
C ARG C 151 26.44 22.94 -3.00
N GLU C 152 25.44 22.07 -3.17
CA GLU C 152 24.38 21.81 -2.16
C GLU C 152 24.60 20.50 -1.38
N LEU C 153 24.88 19.40 -2.10
CA LEU C 153 25.03 18.07 -1.51
C LEU C 153 26.31 17.41 -2.02
N ASP C 154 27.33 17.36 -1.16
CA ASP C 154 28.62 16.77 -1.48
C ASP C 154 28.62 15.27 -1.21
N LEU C 155 28.39 14.48 -2.24
CA LEU C 155 28.42 13.02 -2.13
C LEU C 155 29.87 12.55 -2.00
N GLN C 156 30.16 11.72 -1.00
CA GLN C 156 31.51 11.17 -0.76
C GLN C 156 31.44 9.69 -0.45
N MET C 157 32.26 8.88 -1.10
CA MET C 157 32.19 7.44 -0.85
C MET C 157 33.05 7.06 0.34
N GLN C 158 32.77 5.88 0.89
CA GLN C 158 33.59 5.25 1.91
C GLN C 158 33.76 3.79 1.54
N GLU C 159 34.76 3.16 2.12
CA GLU C 159 35.20 1.85 1.65
C GLU C 159 34.20 0.76 2.04
N ALA C 160 33.79 -0.01 1.01
CA ALA C 160 32.68 -0.95 1.10
C ALA C 160 33.14 -2.34 1.56
N ASP C 161 32.17 -3.21 1.86
CA ASP C 161 32.42 -4.56 2.35
C ASP C 161 31.82 -5.66 1.47
N ILE C 162 32.45 -6.82 1.57
CA ILE C 162 31.83 -8.11 1.23
C ILE C 162 32.01 -9.12 2.40
N SER C 163 32.30 -8.64 3.61
CA SER C 163 32.45 -9.51 4.78
C SER C 163 31.11 -10.08 5.22
N GLY C 164 30.02 -9.39 4.86
CA GLY C 164 28.68 -9.90 5.07
C GLY C 164 28.13 -10.86 4.01
N TYR C 165 28.85 -11.11 2.93
CA TYR C 165 28.31 -11.93 1.84
C TYR C 165 27.97 -13.36 2.31
N ILE C 166 26.88 -13.88 1.75
CA ILE C 166 26.36 -15.21 2.12
C ILE C 166 27.16 -16.32 1.39
N PRO C 167 27.68 -17.30 2.15
CA PRO C 167 28.43 -18.41 1.53
C PRO C 167 27.59 -19.44 0.77
N TYR C 168 26.34 -19.65 1.18
CA TYR C 168 25.50 -20.72 0.61
C TYR C 168 24.70 -20.34 -0.65
N SER C 169 24.82 -19.09 -1.13
CA SER C 169 24.18 -18.70 -2.41
C SER C 169 24.91 -19.36 -3.56
N ARG C 170 24.21 -19.63 -4.65
CA ARG C 170 24.81 -20.36 -5.81
C ARG C 170 25.67 -19.48 -6.76
N PHE C 171 25.86 -18.22 -6.38
CA PHE C 171 26.76 -17.30 -7.07
C PHE C 171 27.97 -17.01 -6.19
N GLU C 172 29.18 -17.07 -6.77
CA GLU C 172 30.40 -16.64 -6.04
C GLU C 172 30.89 -15.30 -6.58
N LEU C 173 31.56 -14.53 -5.72
CA LEU C 173 32.13 -13.23 -6.13
C LEU C 173 33.54 -13.40 -6.68
N VAL C 174 33.79 -12.83 -7.86
CA VAL C 174 35.14 -12.82 -8.43
C VAL C 174 35.86 -11.50 -8.10
N GLY C 175 35.12 -10.39 -8.03
CA GLY C 175 35.70 -9.13 -7.54
C GLY C 175 34.69 -7.99 -7.32
N VAL C 176 35.11 -7.01 -6.53
CA VAL C 176 34.38 -5.74 -6.40
C VAL C 176 35.31 -4.55 -6.61
N THR C 177 34.73 -3.42 -6.96
CA THR C 177 35.45 -2.15 -7.04
C THR C 177 34.47 -0.99 -6.88
N GLN C 178 34.97 0.19 -6.51
CA GLN C 178 34.12 1.35 -6.30
C GLN C 178 34.81 2.62 -6.76
N LYS C 179 34.01 3.59 -7.20
CA LYS C 179 34.55 4.82 -7.79
C LYS C 179 33.59 5.98 -7.63
N ARG C 180 34.09 7.09 -7.10
CA ARG C 180 33.34 8.34 -7.13
C ARG C 180 33.66 9.07 -8.42
N SER C 181 32.64 9.67 -9.02
CA SER C 181 32.80 10.43 -10.25
C SER C 181 32.04 11.74 -10.14
N GLU C 182 32.55 12.78 -10.82
CA GLU C 182 31.92 14.09 -10.85
C GLU C 182 31.84 14.53 -12.31
N ARG C 183 30.69 15.08 -12.69
CA ARG C 183 30.36 15.25 -14.11
C ARG C 183 29.53 16.49 -14.41
N PHE C 184 29.74 17.01 -15.61
CA PHE C 184 28.99 18.11 -16.18
C PHE C 184 28.09 17.54 -17.29
N TYR C 185 26.94 18.17 -17.53
CA TYR C 185 26.16 18.06 -18.79
C TYR C 185 26.04 19.48 -19.35
N GLU C 186 25.80 19.64 -20.66
CA GLU C 186 25.59 20.98 -21.24
C GLU C 186 24.46 21.78 -20.56
N CYS C 187 23.36 21.10 -20.25
CA CYS C 187 22.16 21.74 -19.64
C CYS C 187 22.52 22.77 -18.58
N CYS C 188 23.24 22.28 -17.57
CA CYS C 188 23.26 22.88 -16.26
C CYS C 188 24.73 23.21 -15.92
N LYS C 189 24.98 24.38 -15.33
CA LYS C 189 26.37 24.87 -15.18
C LYS C 189 27.15 24.28 -13.98
N GLU C 190 26.43 23.67 -13.03
CA GLU C 190 27.02 23.06 -11.83
C GLU C 190 27.31 21.56 -12.05
N PRO C 191 28.27 20.97 -11.29
CA PRO C 191 28.57 19.54 -11.44
C PRO C 191 27.75 18.60 -10.53
N TYR C 192 27.58 17.36 -10.98
CA TYR C 192 26.80 16.32 -10.26
C TYR C 192 27.63 15.07 -9.90
N PRO C 193 27.81 14.79 -8.59
CA PRO C 193 28.61 13.65 -8.19
C PRO C 193 27.80 12.35 -8.06
N ASP C 194 28.34 11.25 -8.57
CA ASP C 194 27.77 9.90 -8.34
C ASP C 194 28.81 9.00 -7.70
N VAL C 195 28.32 7.91 -7.09
CA VAL C 195 29.18 6.87 -6.55
C VAL C 195 28.75 5.54 -7.15
N THR C 196 29.67 4.84 -7.80
CA THR C 196 29.35 3.60 -8.51
C THR C 196 30.11 2.40 -7.95
N PHE C 197 29.38 1.31 -7.66
CA PHE C 197 29.97 0.06 -7.19
C PHE C 197 29.84 -0.99 -8.26
N THR C 198 30.95 -1.67 -8.53
CA THR C 198 30.98 -2.67 -9.58
C THR C 198 31.23 -4.03 -8.96
N VAL C 199 30.40 -5.01 -9.33
CA VAL C 199 30.52 -6.38 -8.82
C VAL C 199 30.63 -7.36 -9.98
N THR C 200 31.70 -8.15 -9.98
CA THR C 200 31.82 -9.27 -10.90
C THR C 200 31.53 -10.55 -10.13
N PHE C 201 30.57 -11.33 -10.65
CA PHE C 201 30.20 -12.60 -10.04
C PHE C 201 29.96 -13.66 -11.10
N ARG C 202 29.84 -14.90 -10.66
CA ARG C 202 29.57 -16.02 -11.55
C ARG C 202 28.91 -17.17 -10.82
N LYS C 203 28.30 -18.03 -11.63
CA LYS C 203 27.57 -19.20 -11.12
C LYS C 203 28.56 -20.29 -10.73
N LYS C 204 28.34 -20.91 -9.57
CA LYS C 204 29.27 -21.94 -9.04
C LYS C 204 29.24 -23.26 -9.82
N GLY C 205 28.06 -23.60 -10.36
CA GLY C 205 27.90 -24.65 -11.38
C GLY C 205 27.49 -24.00 -12.68
N GLY D 1 18.92 26.67 3.20
CA GLY D 1 19.13 26.61 4.67
C GLY D 1 18.12 27.45 5.44
N GLU D 2 18.58 28.54 6.02
CA GLU D 2 17.73 29.47 6.75
C GLU D 2 16.75 30.20 5.85
N PHE D 3 17.26 30.73 4.73
CA PHE D 3 16.42 31.46 3.80
C PHE D 3 15.41 30.54 3.10
N GLN D 4 15.84 29.34 2.71
CA GLN D 4 14.92 28.34 2.11
C GLN D 4 13.76 28.00 3.03
N ARG D 5 14.05 27.86 4.32
CA ARG D 5 13.01 27.59 5.30
C ARG D 5 12.03 28.77 5.42
N LYS D 6 12.53 30.01 5.39
CA LYS D 6 11.62 31.18 5.38
C LYS D 6 10.78 31.24 4.11
N LEU D 7 11.40 30.89 2.98
CA LEU D 7 10.73 30.86 1.66
C LEU D 7 9.57 29.86 1.61
N TYR D 8 9.80 28.62 2.07
CA TYR D 8 8.73 27.61 2.07
C TYR D 8 7.55 28.07 2.94
N LYS D 9 7.85 28.79 4.02
CA LYS D 9 6.81 29.33 4.90
C LYS D 9 5.95 30.37 4.19
N GLU D 10 6.58 31.24 3.40
CA GLU D 10 5.86 32.21 2.56
C GLU D 10 5.15 31.57 1.35
N LEU D 11 5.74 30.56 0.72
CA LEU D 11 5.12 29.91 -0.44
C LEU D 11 3.85 29.11 -0.12
N VAL D 12 3.80 28.45 1.03
CA VAL D 12 2.58 27.70 1.41
C VAL D 12 1.37 28.59 1.69
N LYS D 13 1.59 29.83 2.12
CA LYS D 13 0.46 30.73 2.45
C LYS D 13 -0.43 30.93 1.23
N ASN D 14 -1.70 30.57 1.38
CA ASN D 14 -2.72 30.63 0.33
C ASN D 14 -2.55 29.70 -0.86
N TYR D 15 -1.51 28.85 -0.91
CA TYR D 15 -1.32 27.97 -2.05
C TYR D 15 -2.22 26.75 -1.92
N ASN D 16 -3.02 26.47 -2.95
CA ASN D 16 -3.89 25.30 -2.97
C ASN D 16 -3.48 24.48 -4.19
N PRO D 17 -2.82 23.33 -3.96
CA PRO D 17 -2.32 22.51 -5.08
C PRO D 17 -3.36 21.73 -5.87
N ASP D 18 -4.64 21.80 -5.47
CA ASP D 18 -5.72 21.21 -6.25
C ASP D 18 -6.23 22.15 -7.35
N VAL D 19 -5.81 23.42 -7.34
CA VAL D 19 -6.20 24.39 -8.37
C VAL D 19 -5.08 24.58 -9.42
N ILE D 20 -5.46 24.39 -10.69
CA ILE D 20 -4.59 24.70 -11.83
C ILE D 20 -4.26 26.20 -11.83
N PRO D 21 -2.96 26.56 -11.99
CA PRO D 21 -2.53 27.96 -11.87
C PRO D 21 -2.64 28.76 -13.19
N THR D 22 -3.85 28.89 -13.71
CA THR D 22 -4.11 29.70 -14.89
C THR D 22 -4.28 31.16 -14.49
N GLN D 23 -4.42 32.03 -15.49
CA GLN D 23 -4.62 33.46 -15.28
C GLN D 23 -5.33 34.09 -16.50
N ARG D 24 -6.30 34.97 -16.23
CA ARG D 24 -7.16 35.63 -17.27
C ARG D 24 -7.60 34.63 -18.35
N ASP D 25 -7.16 34.75 -19.60
CA ASP D 25 -7.36 33.71 -20.61
C ASP D 25 -5.99 33.38 -21.18
N ARG D 26 -5.14 32.93 -20.27
CA ARG D 26 -3.85 32.33 -20.59
C ARG D 26 -3.89 30.91 -20.03
N PRO D 27 -3.68 29.90 -20.89
CA PRO D 27 -3.54 28.56 -20.32
C PRO D 27 -2.22 28.40 -19.57
N VAL D 28 -2.08 27.26 -18.89
CA VAL D 28 -0.78 26.80 -18.42
C VAL D 28 -0.22 25.97 -19.56
N THR D 29 0.94 26.35 -20.07
CA THR D 29 1.62 25.57 -21.09
C THR D 29 2.49 24.52 -20.41
N VAL D 30 2.33 23.27 -20.84
CA VAL D 30 3.10 22.17 -20.31
C VAL D 30 3.90 21.58 -21.46
N TYR D 31 5.23 21.64 -21.33
CA TYR D 31 6.11 21.03 -22.32
C TYR D 31 6.37 19.59 -21.92
N PHE D 32 6.14 18.66 -22.85
CA PHE D 32 6.15 17.23 -22.56
C PHE D 32 7.05 16.50 -23.52
N SER D 33 7.85 15.57 -22.99
CA SER D 33 8.80 14.82 -23.77
C SER D 33 9.11 13.52 -23.06
N LEU D 34 9.88 12.68 -23.73
CA LEU D 34 10.04 11.29 -23.33
C LEU D 34 11.40 10.74 -23.74
N SER D 35 11.97 9.86 -22.92
CA SER D 35 13.09 9.01 -23.37
C SER D 35 12.77 7.54 -23.10
N LEU D 36 12.75 6.71 -24.15
CA LEU D 36 12.61 5.26 -23.98
C LEU D 36 13.93 4.70 -23.51
N LEU D 37 13.91 4.04 -22.34
CA LEU D 37 15.15 3.52 -21.74
C LEU D 37 15.33 2.04 -22.03
N GLN D 38 14.27 1.25 -21.88
CA GLN D 38 14.36 -0.20 -22.11
C GLN D 38 13.01 -0.84 -22.39
N ILE D 39 13.01 -1.83 -23.29
CA ILE D 39 11.89 -2.74 -23.47
C ILE D 39 12.23 -4.00 -22.71
N MET D 40 11.44 -4.32 -21.71
CA MET D 40 11.77 -5.40 -20.75
C MET D 40 11.26 -6.76 -21.22
N ASP D 41 10.03 -6.79 -21.69
CA ASP D 41 9.41 -8.02 -22.15
C ASP D 41 8.21 -7.72 -23.05
N VAL D 42 7.81 -8.71 -23.83
CA VAL D 42 6.58 -8.67 -24.62
C VAL D 42 5.77 -9.95 -24.37
N ASP D 43 4.46 -9.79 -24.16
CA ASP D 43 3.52 -10.90 -24.00
C ASP D 43 2.76 -11.05 -25.31
N GLU D 44 3.15 -12.04 -26.11
CA GLU D 44 2.54 -12.25 -27.43
C GLU D 44 1.10 -12.76 -27.36
N LYS D 45 0.79 -13.56 -26.35
CA LYS D 45 -0.58 -14.10 -26.18
C LYS D 45 -1.58 -13.03 -25.71
N ASN D 46 -1.19 -12.21 -24.72
CA ASN D 46 -2.08 -11.18 -24.18
C ASN D 46 -1.94 -9.79 -24.82
N GLN D 47 -1.04 -9.64 -25.79
CA GLN D 47 -0.79 -8.37 -26.53
C GLN D 47 -0.43 -7.18 -25.62
N VAL D 48 0.64 -7.39 -24.85
CA VAL D 48 1.12 -6.44 -23.85
C VAL D 48 2.61 -6.21 -24.01
N VAL D 49 3.05 -4.99 -23.72
CA VAL D 49 4.44 -4.60 -23.75
C VAL D 49 4.82 -4.00 -22.38
N ASP D 50 6.02 -4.36 -21.91
CA ASP D 50 6.57 -3.93 -20.62
C ASP D 50 7.80 -3.06 -20.89
N VAL D 51 7.78 -1.81 -20.41
CA VAL D 51 8.86 -0.84 -20.67
C VAL D 51 9.29 -0.02 -19.46
N VAL D 52 10.48 0.57 -19.57
CA VAL D 52 10.91 1.66 -18.69
C VAL D 52 11.09 2.92 -19.53
N ILE D 53 10.34 3.96 -19.15
CA ILE D 53 10.41 5.24 -19.84
C ILE D 53 10.57 6.41 -18.88
N TRP D 54 11.26 7.44 -19.38
CA TRP D 54 11.62 8.60 -18.60
C TRP D 54 10.85 9.81 -19.14
N LEU D 55 9.81 10.19 -18.42
CA LEU D 55 8.94 11.31 -18.81
C LEU D 55 9.57 12.62 -18.36
N GLN D 56 9.36 13.67 -19.16
CA GLN D 56 9.95 14.98 -18.92
C GLN D 56 8.92 16.07 -19.08
N MET D 57 8.53 16.67 -17.95
CA MET D 57 7.49 17.70 -17.92
C MET D 57 7.99 19.00 -17.34
N SER D 58 7.61 20.09 -18.01
CA SER D 58 8.00 21.42 -17.61
C SER D 58 6.81 22.36 -17.77
N TRP D 59 6.59 23.24 -16.80
CA TRP D 59 5.54 24.25 -16.86
C TRP D 59 5.89 25.47 -15.98
N THR D 60 4.99 26.44 -15.92
CA THR D 60 5.19 27.64 -15.10
C THR D 60 3.99 27.89 -14.20
N ASP D 61 4.27 28.07 -12.92
CA ASP D 61 3.28 28.27 -11.88
C ASP D 61 3.53 29.66 -11.32
N HIS D 62 2.72 30.64 -11.75
CA HIS D 62 2.94 32.02 -11.34
C HIS D 62 2.75 32.28 -9.83
N TYR D 63 2.23 31.31 -9.07
CA TYR D 63 2.20 31.41 -7.61
C TYR D 63 3.49 30.97 -6.90
N LEU D 64 4.44 30.38 -7.63
CA LEU D 64 5.69 29.87 -7.03
C LEU D 64 6.90 30.75 -7.37
N GLN D 65 6.69 32.05 -7.57
CA GLN D 65 7.78 32.94 -7.92
C GLN D 65 8.16 33.78 -6.71
N TRP D 66 9.43 34.15 -6.63
CA TRP D 66 9.95 34.99 -5.52
C TRP D 66 11.05 35.92 -5.99
N ASN D 67 11.31 36.96 -5.20
CA ASN D 67 12.37 37.92 -5.50
C ASN D 67 13.71 37.39 -5.00
N VAL D 68 14.61 37.05 -5.93
CA VAL D 68 15.92 36.47 -5.57
C VAL D 68 16.81 37.41 -4.78
N SER D 69 16.57 38.72 -4.87
CA SER D 69 17.26 39.70 -4.02
C SER D 69 16.83 39.56 -2.55
N GLU D 70 15.56 39.21 -2.31
CA GLU D 70 15.05 38.94 -0.94
C GLU D 70 15.50 37.62 -0.32
N TYR D 71 15.80 36.63 -1.16
CA TYR D 71 16.24 35.31 -0.71
C TYR D 71 17.58 34.99 -1.39
N PRO D 72 18.67 35.65 -0.94
CA PRO D 72 19.94 35.61 -1.67
C PRO D 72 20.58 34.23 -1.64
N GLY D 73 21.15 33.83 -2.78
CA GLY D 73 21.69 32.49 -2.95
C GLY D 73 20.65 31.44 -3.32
N VAL D 74 19.35 31.75 -3.16
CA VAL D 74 18.28 30.79 -3.41
C VAL D 74 17.84 30.92 -4.87
N LYS D 75 18.56 30.21 -5.74
CA LYS D 75 18.31 30.25 -7.17
C LYS D 75 17.19 29.29 -7.55
N GLN D 76 17.28 28.06 -7.06
CA GLN D 76 16.27 27.04 -7.32
C GLN D 76 16.12 26.12 -6.10
N VAL D 77 14.93 25.53 -5.95
CA VAL D 77 14.59 24.69 -4.81
C VAL D 77 14.03 23.33 -5.24
N SER D 78 14.18 22.36 -4.34
CA SER D 78 13.77 20.98 -4.55
C SER D 78 12.53 20.72 -3.68
N VAL D 79 11.37 20.53 -4.33
CA VAL D 79 10.07 20.44 -3.63
C VAL D 79 9.42 19.08 -3.93
N PRO D 80 8.76 18.45 -2.92
CA PRO D 80 8.00 17.24 -3.22
C PRO D 80 6.76 17.56 -4.04
N ILE D 81 6.58 16.82 -5.12
CA ILE D 81 5.51 17.05 -6.10
C ILE D 81 4.11 17.01 -5.48
N SER D 82 3.96 16.24 -4.40
CA SER D 82 2.75 16.19 -3.59
C SER D 82 2.25 17.55 -3.08
N SER D 83 3.10 18.56 -2.97
CA SER D 83 2.69 19.87 -2.45
C SER D 83 2.55 20.96 -3.52
N LEU D 84 2.51 20.55 -4.79
CA LEU D 84 2.32 21.45 -5.93
C LEU D 84 1.10 21.04 -6.74
N TRP D 85 0.66 21.95 -7.61
CA TRP D 85 -0.21 21.55 -8.70
C TRP D 85 0.66 20.80 -9.70
N LYS D 86 0.13 19.70 -10.21
CA LYS D 86 0.81 18.81 -11.13
C LYS D 86 -0.16 18.61 -12.31
N PRO D 87 0.35 18.59 -13.55
CA PRO D 87 -0.58 18.31 -14.63
C PRO D 87 -1.10 16.86 -14.60
N ASP D 88 -2.37 16.67 -14.95
CA ASP D 88 -3.04 15.37 -14.85
C ASP D 88 -2.90 14.52 -16.11
N ILE D 89 -1.66 14.32 -16.55
CA ILE D 89 -1.39 13.65 -17.82
C ILE D 89 -1.48 12.14 -17.63
N LEU D 90 -1.94 11.41 -18.64
CA LEU D 90 -1.86 9.95 -18.59
C LEU D 90 -1.59 9.28 -19.93
N LEU D 91 -1.19 8.02 -19.84
CA LEU D 91 -0.97 7.14 -21.00
C LEU D 91 -2.24 6.37 -21.31
N TYR D 92 -2.90 6.69 -22.43
CA TYR D 92 -4.22 6.08 -22.72
C TYR D 92 -4.18 4.55 -22.96
N ASN D 93 -2.98 4.04 -23.28
CA ASN D 93 -2.79 2.61 -23.61
C ASN D 93 -2.57 1.69 -22.39
N ALA D 94 -2.46 2.26 -21.20
CA ALA D 94 -2.01 1.53 -20.03
C ALA D 94 -3.09 0.62 -19.49
N ILE D 95 -2.65 -0.54 -18.99
CA ILE D 95 -3.51 -1.58 -18.45
C ILE D 95 -3.13 -1.97 -17.01
N GLU D 96 -2.28 -1.15 -16.37
CA GLU D 96 -1.78 -1.35 -15.01
C GLU D 96 -1.37 0.05 -14.56
N ARG D 97 -1.26 0.29 -13.26
CA ARG D 97 -0.76 1.57 -12.79
C ARG D 97 0.73 1.71 -13.07
N PRO D 98 1.26 2.94 -13.09
CA PRO D 98 2.72 3.10 -13.24
C PRO D 98 3.48 2.75 -11.96
N GLU D 99 4.64 2.08 -12.08
CA GLU D 99 5.58 1.98 -10.95
C GLU D 99 6.63 3.08 -11.10
N VAL D 100 6.63 4.05 -10.18
CA VAL D 100 7.53 5.23 -10.27
C VAL D 100 8.89 4.91 -9.65
N LEU D 101 9.95 4.99 -10.45
CA LEU D 101 11.30 4.60 -10.02
C LEU D 101 12.08 5.73 -9.35
N THR D 102 11.82 6.97 -9.77
CA THR D 102 12.52 8.14 -9.24
C THR D 102 11.85 8.70 -7.98
N PRO D 103 12.60 9.47 -7.15
CA PRO D 103 12.04 10.31 -6.11
C PRO D 103 10.96 11.23 -6.64
N GLN D 104 9.92 11.44 -5.83
CA GLN D 104 8.76 12.26 -6.25
C GLN D 104 9.02 13.71 -5.90
N LEU D 105 10.00 14.28 -6.60
CA LEU D 105 10.47 15.63 -6.39
C LEU D 105 10.53 16.41 -7.71
N ALA D 106 10.32 17.72 -7.59
CA ALA D 106 10.45 18.65 -8.70
C ALA D 106 11.40 19.80 -8.36
N LEU D 107 12.02 20.34 -9.40
CA LEU D 107 12.84 21.55 -9.29
C LEU D 107 12.02 22.78 -9.63
N VAL D 108 12.17 23.84 -8.84
CA VAL D 108 11.46 25.11 -9.09
C VAL D 108 12.44 26.29 -9.07
N ASN D 109 12.46 27.13 -10.12
CA ASN D 109 13.30 28.33 -10.07
C ASN D 109 12.52 29.59 -9.64
N SER D 110 13.23 30.72 -9.53
CA SER D 110 12.66 31.94 -8.97
C SER D 110 11.57 32.59 -9.82
N SER D 111 11.51 32.25 -11.12
CA SER D 111 10.41 32.68 -12.02
C SER D 111 9.08 31.97 -11.77
N GLY D 112 9.14 30.84 -11.08
CA GLY D 112 8.00 29.96 -10.95
C GLY D 112 8.03 28.85 -12.00
N HIS D 113 9.16 28.66 -12.67
CA HIS D 113 9.25 27.55 -13.63
C HIS D 113 9.51 26.25 -12.89
N VAL D 114 8.70 25.23 -13.21
CA VAL D 114 8.72 23.93 -12.53
C VAL D 114 9.20 22.82 -13.47
N GLN D 115 9.93 21.85 -12.93
CA GLN D 115 10.48 20.76 -13.72
C GLN D 115 10.30 19.45 -12.96
N TYR D 116 9.68 18.47 -13.61
CA TYR D 116 9.35 17.19 -12.98
C TYR D 116 9.60 16.07 -13.98
N LEU D 117 10.47 15.12 -13.64
CA LEU D 117 11.02 14.18 -14.62
C LEU D 117 10.92 12.71 -14.18
N PRO D 118 9.70 12.24 -13.90
CA PRO D 118 9.57 10.89 -13.37
C PRO D 118 10.04 9.80 -14.33
N SER D 119 10.72 8.79 -13.81
CA SER D 119 11.06 7.58 -14.59
C SER D 119 10.13 6.47 -14.14
N ILE D 120 9.56 5.74 -15.10
CA ILE D 120 8.44 4.82 -14.83
C ILE D 120 8.58 3.46 -15.52
N ARG D 121 8.25 2.41 -14.77
CA ARG D 121 8.01 1.08 -15.30
C ARG D 121 6.51 0.96 -15.53
N GLN D 122 6.15 0.56 -16.76
CA GLN D 122 4.77 0.61 -17.26
C GLN D 122 4.46 -0.51 -18.26
N ARG D 123 3.35 -1.22 -18.05
CA ARG D 123 2.86 -2.20 -19.01
C ARG D 123 1.70 -1.60 -19.79
N PHE D 124 1.65 -1.83 -21.11
CA PHE D 124 0.56 -1.26 -21.93
C PHE D 124 0.15 -2.14 -23.09
N SER D 125 -1.00 -1.79 -23.67
CA SER D 125 -1.63 -2.59 -24.73
C SER D 125 -1.06 -2.28 -26.11
N CYS D 126 -0.66 -3.31 -26.85
CA CYS D 126 -0.20 -3.14 -28.24
C CYS D 126 -0.24 -4.44 -29.05
N ASP D 127 -0.64 -4.32 -30.33
CA ASP D 127 -0.56 -5.46 -31.27
C ASP D 127 0.91 -5.71 -31.59
N VAL D 128 1.42 -6.82 -31.10
CA VAL D 128 2.83 -7.17 -31.23
C VAL D 128 3.02 -8.50 -31.95
N SER D 129 2.10 -8.83 -32.85
CA SER D 129 2.17 -10.07 -33.63
C SER D 129 3.38 -10.06 -34.58
N GLY D 130 3.71 -8.88 -35.13
CA GLY D 130 4.86 -8.72 -36.02
C GLY D 130 6.23 -8.59 -35.38
N VAL D 131 6.30 -8.69 -34.05
CA VAL D 131 7.57 -8.50 -33.29
C VAL D 131 8.69 -9.47 -33.67
N ASP D 132 8.31 -10.63 -34.22
CA ASP D 132 9.26 -11.64 -34.67
C ASP D 132 9.44 -11.65 -36.21
N THR D 133 9.30 -10.50 -36.86
CA THR D 133 9.52 -10.37 -38.31
C THR D 133 10.57 -9.30 -38.62
N GLU D 134 10.94 -9.21 -39.89
CA GLU D 134 11.94 -8.22 -40.32
C GLU D 134 11.46 -6.79 -40.15
N SER D 135 10.22 -6.54 -40.57
CA SER D 135 9.56 -5.22 -40.44
C SER D 135 9.19 -4.86 -39.00
N GLY D 136 8.94 -5.87 -38.17
CA GLY D 136 8.79 -5.67 -36.73
C GLY D 136 7.37 -5.31 -36.29
N ALA D 137 7.27 -4.78 -35.07
CA ALA D 137 5.99 -4.42 -34.46
C ALA D 137 5.99 -2.97 -34.02
N THR D 138 4.93 -2.24 -34.38
CA THR D 138 4.78 -0.82 -34.10
C THR D 138 3.78 -0.62 -32.97
N CYS D 139 4.12 0.24 -32.01
CA CYS D 139 3.20 0.56 -30.91
C CYS D 139 3.09 2.05 -30.70
N LYS D 140 1.90 2.49 -30.29
CA LYS D 140 1.62 3.88 -29.99
C LYS D 140 1.52 4.11 -28.51
N LEU D 141 1.93 5.30 -28.07
CA LEU D 141 1.80 5.74 -26.70
C LEU D 141 1.22 7.13 -26.72
N LYS D 142 -0.09 7.20 -26.45
CA LYS D 142 -0.82 8.45 -26.44
C LYS D 142 -0.85 9.01 -25.03
N PHE D 143 -0.29 10.21 -24.87
CA PHE D 143 -0.39 10.96 -23.62
C PHE D 143 -1.27 12.20 -23.75
N GLY D 144 -1.97 12.50 -22.66
CA GLY D 144 -2.74 13.74 -22.56
C GLY D 144 -3.41 13.94 -21.20
N SER D 145 -3.91 15.16 -20.98
CA SER D 145 -4.64 15.53 -19.74
C SER D 145 -5.98 14.79 -19.66
N TRP D 146 -6.30 14.32 -18.45
CA TRP D 146 -7.58 13.66 -18.19
C TRP D 146 -8.76 14.63 -18.09
N THR D 147 -8.60 15.81 -17.49
CA THR D 147 -9.73 16.74 -17.31
C THR D 147 -9.63 18.12 -17.98
N HIS D 148 -8.46 18.51 -18.48
CA HIS D 148 -8.25 19.90 -18.97
C HIS D 148 -8.17 20.04 -20.51
N HIS D 149 -8.93 20.99 -21.06
CA HIS D 149 -8.93 21.31 -22.50
C HIS D 149 -7.88 22.38 -22.85
N SER D 150 -7.69 22.66 -24.15
CA SER D 150 -6.64 23.60 -24.62
C SER D 150 -6.62 24.98 -23.97
N ARG D 151 -7.78 25.57 -23.72
CA ARG D 151 -7.86 26.90 -23.11
C ARG D 151 -7.42 26.95 -21.62
N GLU D 152 -7.32 25.79 -20.96
CA GLU D 152 -6.80 25.65 -19.60
C GLU D 152 -5.36 25.10 -19.56
N LEU D 153 -5.10 24.02 -20.29
CA LEU D 153 -3.78 23.36 -20.29
C LEU D 153 -3.29 23.12 -21.71
N ASP D 154 -2.31 23.92 -22.13
CA ASP D 154 -1.73 23.85 -23.48
C ASP D 154 -0.60 22.83 -23.50
N LEU D 155 -0.91 21.62 -23.95
CA LEU D 155 0.09 20.57 -24.09
C LEU D 155 0.97 20.86 -25.31
N GLN D 156 2.29 20.82 -25.12
CA GLN D 156 3.26 21.05 -26.21
C GLN D 156 4.38 20.04 -26.17
N MET D 157 4.68 19.40 -27.31
CA MET D 157 5.71 18.38 -27.30
C MET D 157 7.08 18.98 -27.49
N GLN D 158 8.10 18.22 -27.09
CA GLN D 158 9.50 18.55 -27.35
C GLN D 158 10.19 17.30 -27.82
N GLU D 159 11.34 17.47 -28.47
CA GLU D 159 11.94 16.39 -29.23
C GLU D 159 12.55 15.33 -28.30
N ALA D 160 12.16 14.08 -28.54
CA ALA D 160 12.40 12.95 -27.66
C ALA D 160 13.73 12.26 -27.98
N ASP D 161 14.15 11.36 -27.09
CA ASP D 161 15.41 10.63 -27.24
C ASP D 161 15.26 9.11 -27.31
N ILE D 162 16.25 8.49 -27.95
CA ILE D 162 16.59 7.08 -27.75
C ILE D 162 18.11 6.93 -27.49
N SER D 163 18.79 8.01 -27.08
CA SER D 163 20.23 7.96 -26.76
C SER D 163 20.46 7.18 -25.46
N GLY D 164 19.45 7.14 -24.60
CA GLY D 164 19.48 6.32 -23.39
C GLY D 164 19.07 4.88 -23.55
N TYR D 165 18.67 4.42 -24.74
CA TYR D 165 18.22 3.04 -24.90
C TYR D 165 19.31 2.02 -24.52
N ILE D 166 18.88 0.90 -23.94
CA ILE D 166 19.78 -0.13 -23.46
C ILE D 166 20.23 -1.05 -24.62
N PRO D 167 21.55 -1.24 -24.78
CA PRO D 167 22.07 -2.12 -25.84
C PRO D 167 21.88 -3.63 -25.60
N TYR D 168 21.86 -4.08 -24.34
CA TYR D 168 21.83 -5.52 -24.05
C TYR D 168 20.42 -6.15 -23.98
N SER D 169 19.35 -5.37 -24.20
CA SER D 169 17.98 -5.94 -24.23
C SER D 169 17.84 -6.72 -25.52
N ARG D 170 16.97 -7.75 -25.51
CA ARG D 170 16.82 -8.63 -26.69
C ARG D 170 15.91 -8.07 -27.81
N PHE D 171 15.45 -6.84 -27.63
CA PHE D 171 14.71 -6.10 -28.65
C PHE D 171 15.56 -4.97 -29.20
N GLU D 172 15.58 -4.82 -30.53
CA GLU D 172 16.25 -3.66 -31.16
C GLU D 172 15.20 -2.68 -31.70
N LEU D 173 15.55 -1.40 -31.77
CA LEU D 173 14.64 -0.38 -32.31
C LEU D 173 14.84 -0.24 -33.82
N VAL D 174 13.72 -0.28 -34.56
CA VAL D 174 13.76 -0.02 -36.00
C VAL D 174 13.42 1.44 -36.31
N GLY D 175 12.54 2.06 -35.51
CA GLY D 175 12.32 3.51 -35.62
C GLY D 175 11.43 4.10 -34.53
N VAL D 176 11.54 5.42 -34.38
CA VAL D 176 10.58 6.19 -33.55
C VAL D 176 10.04 7.39 -34.31
N THR D 177 8.89 7.87 -33.86
CA THR D 177 8.31 9.11 -34.37
C THR D 177 7.39 9.71 -33.30
N GLN D 178 7.11 11.01 -33.41
CA GLN D 178 6.25 11.69 -32.44
C GLN D 178 5.39 12.74 -33.11
N LYS D 179 4.20 12.97 -32.56
CA LYS D 179 3.22 13.87 -33.18
C LYS D 179 2.29 14.47 -32.16
N ARG D 180 2.16 15.80 -32.19
CA ARG D 180 1.12 16.47 -31.42
C ARG D 180 -0.12 16.55 -32.28
N SER D 181 -1.27 16.33 -31.64
CA SER D 181 -2.57 16.41 -32.31
C SER D 181 -3.54 17.21 -31.46
N GLU D 182 -4.44 17.93 -32.11
CA GLU D 182 -5.50 18.68 -31.43
C GLU D 182 -6.81 18.30 -32.12
N ARG D 183 -7.83 18.04 -31.30
CA ARG D 183 -9.07 17.46 -31.77
C ARG D 183 -10.32 17.92 -31.07
N PHE D 184 -11.43 17.85 -31.80
CA PHE D 184 -12.76 18.03 -31.23
C PHE D 184 -13.48 16.69 -31.12
N TYR D 185 -14.14 16.50 -29.97
CA TYR D 185 -14.88 15.26 -29.64
C TYR D 185 -16.32 15.64 -29.38
N GLU D 186 -17.27 14.71 -29.54
CA GLU D 186 -18.72 15.05 -29.36
C GLU D 186 -19.01 15.59 -27.95
N CYS D 187 -18.39 14.97 -26.93
CA CYS D 187 -18.56 15.34 -25.52
C CYS D 187 -18.61 16.84 -25.30
N CYS D 188 -17.52 17.49 -25.72
CA CYS D 188 -17.09 18.77 -25.19
C CYS D 188 -17.02 19.77 -26.34
N LYS D 189 -17.38 21.04 -26.10
CA LYS D 189 -17.33 22.07 -27.15
C LYS D 189 -15.93 22.64 -27.44
N GLU D 190 -14.96 22.44 -26.53
CA GLU D 190 -13.57 22.90 -26.64
C GLU D 190 -12.67 21.81 -27.24
N PRO D 191 -11.46 22.16 -27.72
CA PRO D 191 -10.52 21.13 -28.23
C PRO D 191 -9.58 20.51 -27.17
N TYR D 192 -9.14 19.28 -27.44
CA TYR D 192 -8.26 18.52 -26.56
C TYR D 192 -6.94 18.10 -27.25
N PRO D 193 -5.80 18.59 -26.74
CA PRO D 193 -4.51 18.21 -27.32
C PRO D 193 -3.91 16.94 -26.72
N ASP D 194 -3.40 16.06 -27.57
CA ASP D 194 -2.62 14.90 -27.13
C ASP D 194 -1.25 14.91 -27.77
N VAL D 195 -0.33 14.14 -27.17
CA VAL D 195 1.00 13.93 -27.75
C VAL D 195 1.23 12.44 -27.83
N THR D 196 1.52 11.95 -29.04
CA THR D 196 1.65 10.50 -29.27
C THR D 196 3.04 10.13 -29.78
N PHE D 197 3.66 9.14 -29.13
CA PHE D 197 4.97 8.62 -29.52
C PHE D 197 4.80 7.23 -30.09
N THR D 198 5.40 6.99 -31.24
CA THR D 198 5.28 5.71 -31.91
C THR D 198 6.65 5.05 -31.96
N VAL D 199 6.71 3.78 -31.56
CA VAL D 199 7.95 3.00 -31.55
C VAL D 199 7.77 1.71 -32.32
N THR D 200 8.64 1.50 -33.32
CA THR D 200 8.70 0.22 -34.01
C THR D 200 9.94 -0.51 -33.51
N PHE D 201 9.74 -1.74 -33.03
CA PHE D 201 10.83 -2.58 -32.54
C PHE D 201 10.66 -4.02 -32.98
N ARG D 202 11.71 -4.82 -32.79
CA ARG D 202 11.68 -6.23 -33.13
C ARG D 202 12.71 -7.03 -32.35
N LYS D 203 12.47 -8.33 -32.34
CA LYS D 203 13.32 -9.27 -31.60
C LYS D 203 14.62 -9.53 -32.37
N LYS D 204 15.75 -9.51 -31.68
CA LYS D 204 17.07 -9.68 -32.31
C LYS D 204 17.34 -11.11 -32.80
N GLY D 205 16.79 -12.09 -32.09
CA GLY D 205 17.15 -13.51 -32.22
C GLY D 205 17.81 -13.95 -30.93
N GLY E 1 -5.65 30.12 -11.26
CA GLY E 1 -7.04 30.66 -11.15
C GLY E 1 -7.27 31.34 -9.81
N GLU E 2 -7.42 32.66 -9.86
CA GLU E 2 -7.74 33.43 -8.63
C GLU E 2 -9.17 33.17 -8.16
N PHE E 3 -10.10 33.22 -9.09
CA PHE E 3 -11.51 32.96 -8.78
C PHE E 3 -11.75 31.50 -8.37
N GLN E 4 -11.09 30.54 -9.04
CA GLN E 4 -11.17 29.11 -8.66
C GLN E 4 -10.72 28.88 -7.21
N ARG E 5 -9.65 29.56 -6.82
CA ARG E 5 -9.16 29.47 -5.46
C ARG E 5 -10.16 30.06 -4.45
N LYS E 6 -10.80 31.18 -4.78
CA LYS E 6 -11.87 31.73 -3.91
C LYS E 6 -13.07 30.78 -3.82
N LEU E 7 -13.41 30.16 -4.96
CA LEU E 7 -14.50 29.20 -5.04
C LEU E 7 -14.30 27.96 -4.17
N TYR E 8 -13.13 27.35 -4.24
CA TYR E 8 -12.82 26.16 -3.40
C TYR E 8 -12.90 26.52 -1.92
N LYS E 9 -12.54 27.75 -1.57
CA LYS E 9 -12.64 28.24 -0.18
C LYS E 9 -14.10 28.30 0.28
N GLU E 10 -14.98 28.78 -0.58
CA GLU E 10 -16.43 28.77 -0.31
C GLU E 10 -17.07 27.37 -0.35
N LEU E 11 -16.63 26.50 -1.27
CA LEU E 11 -17.20 25.16 -1.39
C LEU E 11 -16.86 24.21 -0.22
N VAL E 12 -15.66 24.32 0.35
CA VAL E 12 -15.30 23.47 1.50
C VAL E 12 -16.08 23.80 2.78
N LYS E 13 -16.55 25.05 2.93
CA LYS E 13 -17.26 25.44 4.14
C LYS E 13 -18.47 24.55 4.41
N ASN E 14 -18.45 23.87 5.57
CA ASN E 14 -19.49 22.94 6.00
C ASN E 14 -19.67 21.66 5.18
N TYR E 15 -18.88 21.42 4.13
CA TYR E 15 -19.09 20.26 3.27
C TYR E 15 -18.43 19.05 3.94
N ASN E 16 -19.20 17.99 4.11
CA ASN E 16 -18.75 16.74 4.71
C ASN E 16 -18.98 15.66 3.65
N PRO E 17 -17.90 15.14 3.04
CA PRO E 17 -18.02 14.16 1.96
C PRO E 17 -18.43 12.74 2.38
N ASP E 18 -18.61 12.50 3.67
CA ASP E 18 -19.19 11.22 4.12
C ASP E 18 -20.73 11.21 4.14
N VAL E 19 -21.35 12.37 3.92
CA VAL E 19 -22.82 12.47 3.86
C VAL E 19 -23.32 12.56 2.42
N ILE E 20 -24.23 11.65 2.07
CA ILE E 20 -24.96 11.67 0.80
C ILE E 20 -25.77 12.96 0.68
N PRO E 21 -25.67 13.67 -0.48
CA PRO E 21 -26.32 14.97 -0.64
C PRO E 21 -27.79 14.88 -1.12
N THR E 22 -28.65 14.25 -0.31
CA THR E 22 -30.07 14.19 -0.58
C THR E 22 -30.73 15.47 -0.09
N GLN E 23 -32.02 15.62 -0.42
CA GLN E 23 -32.77 16.86 -0.17
C GLN E 23 -34.28 16.57 -0.09
N ARG E 24 -34.96 17.14 0.92
CA ARG E 24 -36.37 16.87 1.25
C ARG E 24 -36.70 15.35 1.12
N ASP E 25 -37.53 14.94 0.17
CA ASP E 25 -37.73 13.52 -0.14
C ASP E 25 -37.45 13.33 -1.63
N ARG E 26 -36.24 13.72 -2.01
CA ARG E 26 -35.70 13.48 -3.33
C ARG E 26 -34.44 12.66 -3.17
N PRO E 27 -34.35 11.49 -3.84
CA PRO E 27 -33.08 10.80 -3.85
C PRO E 27 -32.01 11.53 -4.66
N VAL E 28 -30.77 11.06 -4.57
CA VAL E 28 -29.73 11.45 -5.51
C VAL E 28 -29.81 10.46 -6.64
N THR E 29 -30.04 10.95 -7.86
CA THR E 29 -30.05 10.09 -9.04
C THR E 29 -28.64 9.96 -9.57
N VAL E 30 -28.21 8.73 -9.78
CA VAL E 30 -26.90 8.42 -10.30
C VAL E 30 -27.07 7.69 -11.61
N TYR E 31 -26.58 8.30 -12.68
CA TYR E 31 -26.59 7.68 -14.00
C TYR E 31 -25.32 6.86 -14.16
N PHE E 32 -25.48 5.58 -14.52
CA PHE E 32 -24.39 4.62 -14.56
C PHE E 32 -24.31 3.93 -15.91
N SER E 33 -23.10 3.80 -16.42
CA SER E 33 -22.86 3.20 -17.72
C SER E 33 -21.45 2.66 -17.77
N LEU E 34 -21.17 1.90 -18.82
CA LEU E 34 -19.95 1.13 -18.91
C LEU E 34 -19.49 1.00 -20.34
N SER E 35 -18.17 1.02 -20.55
CA SER E 35 -17.60 0.55 -21.82
C SER E 35 -16.57 -0.55 -21.58
N LEU E 36 -16.78 -1.73 -22.16
CA LEU E 36 -15.79 -2.80 -22.15
C LEU E 36 -14.69 -2.46 -23.14
N LEU E 37 -13.46 -2.36 -22.64
CA LEU E 37 -12.33 -1.94 -23.47
C LEU E 37 -11.53 -3.13 -23.96
N GLN E 38 -11.23 -4.08 -23.07
CA GLN E 38 -10.48 -5.27 -23.46
C GLN E 38 -10.69 -6.44 -22.51
N ILE E 39 -10.72 -7.64 -23.10
CA ILE E 39 -10.63 -8.89 -22.32
C ILE E 39 -9.18 -9.32 -22.42
N MET E 40 -8.52 -9.39 -21.26
CA MET E 40 -7.07 -9.61 -21.22
C MET E 40 -6.70 -11.08 -21.20
N ASP E 41 -7.41 -11.85 -20.38
CA ASP E 41 -7.17 -13.27 -20.27
C ASP E 41 -8.36 -13.96 -19.61
N VAL E 42 -8.43 -15.28 -19.82
CA VAL E 42 -9.40 -16.12 -19.12
C VAL E 42 -8.67 -17.30 -18.45
N ASP E 43 -9.03 -17.58 -17.20
CA ASP E 43 -8.52 -18.73 -16.45
C ASP E 43 -9.62 -19.81 -16.48
N GLU E 44 -9.42 -20.82 -17.33
CA GLU E 44 -10.41 -21.88 -17.52
C GLU E 44 -10.52 -22.82 -16.34
N LYS E 45 -9.40 -23.07 -15.65
CA LYS E 45 -9.38 -23.94 -14.47
C LYS E 45 -10.05 -23.30 -13.26
N ASN E 46 -9.74 -22.03 -12.97
CA ASN E 46 -10.29 -21.33 -11.81
C ASN E 46 -11.58 -20.53 -12.08
N GLN E 47 -12.08 -20.54 -13.32
CA GLN E 47 -13.32 -19.83 -13.74
C GLN E 47 -13.31 -18.31 -13.44
N VAL E 48 -12.29 -17.66 -13.99
CA VAL E 48 -12.04 -16.24 -13.77
C VAL E 48 -11.81 -15.53 -15.10
N VAL E 49 -12.24 -14.27 -15.16
CA VAL E 49 -12.05 -13.42 -16.32
C VAL E 49 -11.33 -12.15 -15.89
N ASP E 50 -10.37 -11.71 -16.73
CA ASP E 50 -9.55 -10.50 -16.50
C ASP E 50 -9.88 -9.48 -17.57
N VAL E 51 -10.34 -8.29 -17.14
CA VAL E 51 -10.78 -7.24 -18.08
C VAL E 51 -10.29 -5.85 -17.74
N VAL E 52 -10.36 -4.97 -18.75
CA VAL E 52 -10.30 -3.52 -18.55
C VAL E 52 -11.62 -2.91 -18.97
N ILE E 53 -12.26 -2.22 -18.01
CA ILE E 53 -13.54 -1.57 -18.26
C ILE E 53 -13.55 -0.12 -17.79
N TRP E 54 -14.34 0.69 -18.49
CA TRP E 54 -14.41 2.11 -18.30
C TRP E 54 -15.78 2.47 -17.75
N LEU E 55 -15.84 2.71 -16.44
CA LEU E 55 -17.10 3.03 -15.76
C LEU E 55 -17.40 4.50 -15.93
N GLN E 56 -18.69 4.83 -16.01
CA GLN E 56 -19.14 6.19 -16.25
C GLN E 56 -20.26 6.54 -15.30
N MET E 57 -19.97 7.42 -14.34
CA MET E 57 -20.92 7.82 -13.32
C MET E 57 -21.16 9.33 -13.34
N SER E 58 -22.44 9.68 -13.26
CA SER E 58 -22.86 11.05 -13.26
C SER E 58 -23.96 11.24 -12.21
N TRP E 59 -23.89 12.34 -11.45
CA TRP E 59 -24.93 12.69 -10.48
C TRP E 59 -24.95 14.20 -10.22
N THR E 60 -25.84 14.64 -9.32
CA THR E 60 -25.94 16.04 -8.96
C THR E 60 -25.85 16.23 -7.45
N ASP E 61 -24.95 17.12 -7.04
CA ASP E 61 -24.69 17.41 -5.64
C ASP E 61 -25.10 18.86 -5.43
N HIS E 62 -26.26 19.09 -4.85
CA HIS E 62 -26.79 20.44 -4.71
C HIS E 62 -25.97 21.35 -3.76
N TYR E 63 -25.00 20.79 -3.04
CA TYR E 63 -24.04 21.59 -2.27
C TYR E 63 -22.83 22.12 -3.08
N LEU E 64 -22.65 21.67 -4.32
CA LEU E 64 -21.51 22.06 -5.14
C LEU E 64 -21.90 23.03 -6.27
N GLN E 65 -22.93 23.85 -6.05
CA GLN E 65 -23.39 24.77 -7.11
C GLN E 65 -22.97 26.19 -6.75
N TRP E 66 -22.74 27.00 -7.77
CA TRP E 66 -22.34 28.42 -7.59
C TRP E 66 -22.89 29.30 -8.71
N ASN E 67 -22.92 30.61 -8.48
CA ASN E 67 -23.39 31.58 -9.50
C ASN E 67 -22.25 31.92 -10.46
N VAL E 68 -22.34 31.48 -11.71
CA VAL E 68 -21.27 31.70 -12.70
C VAL E 68 -21.00 33.17 -13.02
N SER E 69 -22.01 34.02 -12.79
CA SER E 69 -21.82 35.48 -12.90
C SER E 69 -20.88 36.00 -11.80
N GLU E 70 -20.95 35.42 -10.61
CA GLU E 70 -20.04 35.75 -9.48
C GLU E 70 -18.60 35.23 -9.61
N TYR E 71 -18.43 34.15 -10.36
CA TYR E 71 -17.11 33.54 -10.56
C TYR E 71 -16.87 33.42 -12.07
N PRO E 72 -16.61 34.55 -12.75
CA PRO E 72 -16.60 34.62 -14.21
C PRO E 72 -15.45 33.82 -14.81
N GLY E 73 -15.74 33.13 -15.91
CA GLY E 73 -14.80 32.21 -16.54
C GLY E 73 -14.79 30.83 -15.93
N VAL E 74 -15.36 30.67 -14.73
CA VAL E 74 -15.34 29.40 -13.99
C VAL E 74 -16.56 28.59 -14.38
N LYS E 75 -16.45 27.87 -15.49
CA LYS E 75 -17.59 27.11 -16.04
C LYS E 75 -17.68 25.75 -15.37
N GLN E 76 -16.53 25.07 -15.32
CA GLN E 76 -16.40 23.79 -14.66
C GLN E 76 -15.03 23.64 -14.00
N VAL E 77 -14.96 22.82 -12.96
CA VAL E 77 -13.74 22.63 -12.17
C VAL E 77 -13.36 21.15 -12.02
N SER E 78 -12.08 20.92 -11.80
CA SER E 78 -11.49 19.59 -11.69
C SER E 78 -11.12 19.35 -10.22
N VAL E 79 -11.83 18.42 -9.57
CA VAL E 79 -11.69 18.18 -8.11
C VAL E 79 -11.25 16.72 -7.87
N PRO E 80 -10.35 16.47 -6.90
CA PRO E 80 -10.04 15.08 -6.53
C PRO E 80 -11.21 14.42 -5.83
N ILE E 81 -11.56 13.24 -6.31
CA ILE E 81 -12.75 12.50 -5.87
C ILE E 81 -12.77 12.22 -4.37
N SER E 82 -11.58 12.10 -3.78
CA SER E 82 -11.41 12.00 -2.33
C SER E 82 -12.08 13.08 -1.50
N SER E 83 -12.33 14.26 -2.07
CA SER E 83 -12.92 15.37 -1.30
C SER E 83 -14.39 15.65 -1.62
N LEU E 84 -15.04 14.71 -2.28
CA LEU E 84 -16.49 14.76 -2.58
C LEU E 84 -17.21 13.57 -1.99
N TRP E 85 -18.53 13.66 -1.92
CA TRP E 85 -19.35 12.47 -1.77
C TRP E 85 -19.30 11.75 -3.11
N LYS E 86 -19.16 10.43 -3.05
CA LYS E 86 -19.04 9.57 -4.20
C LYS E 86 -20.05 8.43 -3.97
N PRO E 87 -20.77 7.99 -5.02
CA PRO E 87 -21.65 6.86 -4.78
C PRO E 87 -20.86 5.56 -4.50
N ASP E 88 -21.40 4.73 -3.61
CA ASP E 88 -20.71 3.52 -3.12
C ASP E 88 -21.02 2.28 -3.95
N ILE E 89 -20.80 2.38 -5.25
CA ILE E 89 -21.18 1.34 -6.18
C ILE E 89 -20.14 0.24 -6.20
N LEU E 90 -20.56 -1.02 -6.37
CA LEU E 90 -19.59 -2.09 -6.58
C LEU E 90 -20.02 -3.18 -7.54
N LEU E 91 -19.04 -3.97 -7.98
CA LEU E 91 -19.24 -5.14 -8.85
C LEU E 91 -19.40 -6.39 -7.99
N TYR E 92 -20.61 -6.95 -7.95
CA TYR E 92 -20.86 -8.09 -7.03
C TYR E 92 -20.07 -9.38 -7.38
N ASN E 93 -19.59 -9.48 -8.62
CA ASN E 93 -18.87 -10.66 -9.12
C ASN E 93 -17.37 -10.74 -8.84
N ALA E 94 -16.84 -9.63 -8.26
CA ALA E 94 -15.41 -9.46 -8.16
C ALA E 94 -14.84 -10.34 -7.06
N ILE E 95 -13.62 -10.82 -7.32
CA ILE E 95 -12.87 -11.71 -6.44
C ILE E 95 -11.47 -11.13 -6.08
N GLU E 96 -11.28 -9.86 -6.37
CA GLU E 96 -10.03 -9.10 -6.18
C GLU E 96 -10.47 -7.65 -6.16
N ARG E 97 -9.67 -6.76 -5.56
CA ARG E 97 -10.03 -5.35 -5.59
C ARG E 97 -9.84 -4.77 -6.99
N PRO E 98 -10.49 -3.63 -7.31
CA PRO E 98 -10.22 -3.00 -8.60
C PRO E 98 -8.86 -2.25 -8.63
N GLU E 99 -8.12 -2.37 -9.75
CA GLU E 99 -6.93 -1.52 -9.95
C GLU E 99 -7.35 -0.34 -10.83
N VAL E 100 -7.30 0.88 -10.27
CA VAL E 100 -7.75 2.10 -10.97
C VAL E 100 -6.65 2.69 -11.86
N LEU E 101 -6.90 2.74 -13.17
CA LEU E 101 -5.89 3.18 -14.14
C LEU E 101 -5.85 4.69 -14.36
N THR E 102 -6.99 5.36 -14.23
CA THR E 102 -7.12 6.81 -14.46
C THR E 102 -6.79 7.63 -13.22
N PRO E 103 -6.45 8.91 -13.39
CA PRO E 103 -6.43 9.90 -12.32
C PRO E 103 -7.72 9.93 -11.52
N GLN E 104 -7.61 10.10 -10.21
CA GLN E 104 -8.78 10.07 -9.32
C GLN E 104 -9.38 11.44 -9.19
N LEU E 105 -9.90 11.93 -10.31
CA LEU E 105 -10.47 13.28 -10.44
C LEU E 105 -11.87 13.23 -11.05
N ALA E 106 -12.67 14.20 -10.65
CA ALA E 106 -14.02 14.39 -11.19
C ALA E 106 -14.21 15.82 -11.68
N LEU E 107 -15.06 15.95 -12.70
CA LEU E 107 -15.45 17.25 -13.24
C LEU E 107 -16.75 17.70 -12.59
N VAL E 108 -16.82 18.99 -12.22
CA VAL E 108 -18.04 19.55 -11.61
C VAL E 108 -18.44 20.85 -12.32
N ASN E 109 -19.68 20.97 -12.79
CA ASN E 109 -20.14 22.25 -13.36
C ASN E 109 -20.90 23.13 -12.36
N SER E 110 -21.30 24.32 -12.81
CA SER E 110 -21.87 25.33 -11.93
C SER E 110 -23.24 24.98 -11.34
N SER E 111 -23.95 24.03 -11.98
CA SER E 111 -25.22 23.47 -11.45
C SER E 111 -25.04 22.56 -10.25
N GLY E 112 -23.82 22.06 -10.05
CA GLY E 112 -23.55 21.02 -9.08
C GLY E 112 -23.57 19.65 -9.74
N HIS E 113 -23.54 19.58 -11.08
CA HIS E 113 -23.48 18.29 -11.74
C HIS E 113 -22.06 17.76 -11.73
N VAL E 114 -21.92 16.50 -11.30
CA VAL E 114 -20.63 15.84 -11.11
C VAL E 114 -20.43 14.70 -12.10
N GLN E 115 -19.19 14.53 -12.56
CA GLN E 115 -18.88 13.49 -13.54
C GLN E 115 -17.58 12.80 -13.13
N TYR E 116 -17.63 11.47 -13.02
CA TYR E 116 -16.48 10.68 -12.58
C TYR E 116 -16.41 9.40 -13.41
N LEU E 117 -15.30 9.19 -14.11
CA LEU E 117 -15.23 8.18 -15.17
C LEU E 117 -14.03 7.24 -15.04
N PRO E 118 -13.92 6.54 -13.90
CA PRO E 118 -12.73 5.72 -13.68
C PRO E 118 -12.60 4.57 -14.69
N SER E 119 -11.38 4.33 -15.15
CA SER E 119 -11.08 3.13 -15.96
C SER E 119 -10.36 2.14 -15.06
N ILE E 120 -10.77 0.87 -15.12
CA ILE E 120 -10.39 -0.13 -14.13
C ILE E 120 -9.97 -1.48 -14.73
N ARG E 121 -8.91 -2.04 -14.16
CA ARG E 121 -8.51 -3.43 -14.37
C ARG E 121 -9.13 -4.23 -13.24
N GLN E 122 -9.85 -5.29 -13.61
CA GLN E 122 -10.69 -6.08 -12.68
C GLN E 122 -10.75 -7.57 -13.07
N ARG E 123 -10.53 -8.46 -12.09
CA ARG E 123 -10.73 -9.89 -12.27
C ARG E 123 -12.04 -10.30 -11.60
N PHE E 124 -12.84 -11.13 -12.26
CA PHE E 124 -14.14 -11.52 -11.67
C PHE E 124 -14.54 -12.95 -12.00
N SER E 125 -15.53 -13.44 -11.26
CA SER E 125 -15.97 -14.83 -11.34
C SER E 125 -16.96 -15.05 -12.49
N CYS E 126 -16.70 -16.06 -13.33
CA CYS E 126 -17.65 -16.42 -14.39
C CYS E 126 -17.42 -17.84 -14.93
N ASP E 127 -18.51 -18.55 -15.23
CA ASP E 127 -18.44 -19.85 -15.91
C ASP E 127 -18.05 -19.60 -17.37
N VAL E 128 -16.82 -20.02 -17.69
CA VAL E 128 -16.24 -19.78 -19.00
C VAL E 128 -15.86 -21.08 -19.70
N SER E 129 -16.60 -22.15 -19.40
CA SER E 129 -16.33 -23.46 -20.01
C SER E 129 -16.64 -23.44 -21.52
N GLY E 130 -17.66 -22.68 -21.92
CA GLY E 130 -18.05 -22.56 -23.31
C GLY E 130 -17.28 -21.58 -24.17
N VAL E 131 -16.24 -20.95 -23.59
CA VAL E 131 -15.43 -19.93 -24.29
C VAL E 131 -14.75 -20.41 -25.59
N ASP E 132 -14.53 -21.72 -25.67
CA ASP E 132 -13.93 -22.36 -26.84
C ASP E 132 -14.98 -23.06 -27.75
N THR E 133 -16.20 -22.55 -27.79
CA THR E 133 -17.26 -23.08 -28.68
C THR E 133 -17.82 -21.99 -29.57
N GLU E 134 -18.68 -22.37 -30.52
CA GLU E 134 -19.27 -21.44 -31.46
C GLU E 134 -20.18 -20.42 -30.75
N SER E 135 -21.04 -20.94 -29.86
CA SER E 135 -21.98 -20.12 -29.08
C SER E 135 -21.29 -19.30 -27.99
N GLY E 136 -20.15 -19.78 -27.49
CA GLY E 136 -19.28 -18.96 -26.63
C GLY E 136 -19.63 -19.05 -25.15
N ALA E 137 -19.13 -18.08 -24.38
CA ALA E 137 -19.31 -18.03 -22.93
C ALA E 137 -19.90 -16.69 -22.51
N THR E 138 -20.94 -16.75 -21.68
CA THR E 138 -21.68 -15.57 -21.23
C THR E 138 -21.33 -15.24 -19.80
N CYS E 139 -21.10 -13.97 -19.49
CA CYS E 139 -20.78 -13.54 -18.12
C CYS E 139 -21.60 -12.33 -17.73
N LYS E 140 -21.93 -12.26 -16.46
CA LYS E 140 -22.73 -11.16 -15.90
C LYS E 140 -21.85 -10.27 -15.05
N LEU E 141 -22.17 -8.97 -15.06
CA LEU E 141 -21.51 -7.99 -14.22
C LEU E 141 -22.58 -7.15 -13.56
N LYS E 142 -22.87 -7.48 -12.31
CA LYS E 142 -23.88 -6.79 -11.53
C LYS E 142 -23.23 -5.66 -10.74
N PHE E 143 -23.67 -4.42 -11.02
CA PHE E 143 -23.28 -3.27 -10.22
C PHE E 143 -24.43 -2.69 -9.40
N GLY E 144 -24.09 -2.20 -8.21
CA GLY E 144 -25.05 -1.46 -7.37
C GLY E 144 -24.44 -0.87 -6.10
N SER E 145 -25.21 0.01 -5.44
CA SER E 145 -24.81 0.61 -4.16
C SER E 145 -24.75 -0.43 -3.04
N TRP E 146 -23.72 -0.33 -2.21
CA TRP E 146 -23.55 -1.19 -1.04
C TRP E 146 -24.49 -0.84 0.12
N THR E 147 -24.70 0.43 0.43
CA THR E 147 -25.51 0.83 1.60
C THR E 147 -26.78 1.63 1.35
N HIS E 148 -26.99 2.13 0.12
CA HIS E 148 -28.13 3.04 -0.14
C HIS E 148 -29.28 2.42 -0.95
N HIS E 149 -30.52 2.54 -0.43
CA HIS E 149 -31.73 2.01 -1.10
C HIS E 149 -32.35 3.04 -2.07
N SER E 150 -33.37 2.64 -2.84
CA SER E 150 -33.99 3.50 -3.86
C SER E 150 -34.39 4.92 -3.43
N ARG E 151 -34.97 5.05 -2.23
CA ARG E 151 -35.39 6.37 -1.72
C ARG E 151 -34.25 7.32 -1.35
N GLU E 152 -33.02 6.81 -1.25
CA GLU E 152 -31.80 7.62 -1.04
C GLU E 152 -30.96 7.79 -2.31
N LEU E 153 -30.72 6.69 -3.03
CA LEU E 153 -29.88 6.70 -4.23
C LEU E 153 -30.57 5.99 -5.38
N ASP E 154 -31.07 6.77 -6.34
CA ASP E 154 -31.77 6.26 -7.52
C ASP E 154 -30.78 5.90 -8.63
N LEU E 155 -30.42 4.63 -8.71
CA LEU E 155 -29.56 4.12 -9.75
C LEU E 155 -30.32 4.07 -11.08
N GLN E 156 -29.73 4.66 -12.13
CA GLN E 156 -30.33 4.65 -13.47
C GLN E 156 -29.29 4.33 -14.53
N MET E 157 -29.60 3.42 -15.45
CA MET E 157 -28.60 3.06 -16.45
C MET E 157 -28.64 4.02 -17.63
N GLN E 158 -27.55 4.02 -18.39
CA GLN E 158 -27.45 4.69 -19.68
C GLN E 158 -26.81 3.73 -20.65
N GLU E 159 -27.02 4.02 -21.94
CA GLU E 159 -26.70 3.04 -22.98
C GLU E 159 -25.19 2.95 -23.16
N ALA E 160 -24.71 1.70 -23.17
CA ALA E 160 -23.30 1.37 -23.40
C ALA E 160 -22.99 1.27 -24.93
N ASP E 161 -21.71 1.24 -25.24
CA ASP E 161 -21.20 0.92 -26.59
C ASP E 161 -20.07 -0.14 -26.46
N ILE E 162 -19.63 -0.60 -27.64
CA ILE E 162 -18.43 -1.41 -27.80
C ILE E 162 -17.47 -0.81 -28.86
N SER E 163 -17.58 0.49 -29.10
CA SER E 163 -16.70 1.22 -30.02
C SER E 163 -15.29 1.32 -29.46
N GLY E 164 -15.16 1.25 -28.13
CA GLY E 164 -13.86 1.17 -27.47
C GLY E 164 -13.17 -0.19 -27.43
N TYR E 165 -13.87 -1.26 -27.80
CA TYR E 165 -13.28 -2.60 -27.71
C TYR E 165 -12.03 -2.75 -28.61
N ILE E 166 -11.04 -3.50 -28.10
CA ILE E 166 -9.76 -3.67 -28.79
C ILE E 166 -9.90 -4.78 -29.87
N PRO E 167 -9.49 -4.46 -31.12
CA PRO E 167 -9.54 -5.45 -32.20
C PRO E 167 -8.51 -6.57 -32.13
N TYR E 168 -7.33 -6.32 -31.57
CA TYR E 168 -6.23 -7.29 -31.60
C TYR E 168 -6.22 -8.31 -30.43
N SER E 169 -7.18 -8.25 -29.51
CA SER E 169 -7.29 -9.28 -28.45
C SER E 169 -7.78 -10.58 -29.06
N ARG E 170 -7.39 -11.72 -28.47
CA ARG E 170 -7.72 -13.04 -29.05
C ARG E 170 -9.17 -13.53 -28.72
N PHE E 171 -9.95 -12.68 -28.05
CA PHE E 171 -11.36 -12.92 -27.80
C PHE E 171 -12.20 -11.97 -28.65
N GLU E 172 -13.25 -12.50 -29.30
CA GLU E 172 -14.22 -11.64 -30.01
C GLU E 172 -15.54 -11.59 -29.24
N LEU E 173 -16.28 -10.49 -29.39
CA LEU E 173 -17.59 -10.35 -28.75
C LEU E 173 -18.69 -10.92 -29.65
N VAL E 174 -19.53 -11.79 -29.08
CA VAL E 174 -20.69 -12.31 -29.79
C VAL E 174 -21.96 -11.50 -29.45
N GLY E 175 -22.05 -11.00 -28.23
CA GLY E 175 -23.18 -10.18 -27.81
C GLY E 175 -22.96 -9.38 -26.52
N VAL E 176 -23.61 -8.23 -26.40
CA VAL E 176 -23.79 -7.58 -25.09
C VAL E 176 -25.26 -7.24 -24.87
N THR E 177 -25.60 -7.12 -23.59
CA THR E 177 -26.92 -6.63 -23.19
C THR E 177 -26.84 -6.00 -21.81
N GLN E 178 -27.80 -5.15 -21.49
CA GLN E 178 -27.83 -4.44 -20.21
C GLN E 178 -29.25 -4.32 -19.68
N LYS E 179 -29.39 -4.31 -18.37
CA LYS E 179 -30.70 -4.32 -17.74
C LYS E 179 -30.66 -3.70 -16.35
N ARG E 180 -31.53 -2.71 -16.11
CA ARG E 180 -31.75 -2.24 -14.76
C ARG E 180 -32.81 -3.07 -14.08
N SER E 181 -32.60 -3.39 -12.81
CA SER E 181 -33.52 -4.20 -12.03
C SER E 181 -33.71 -3.59 -10.66
N GLU E 182 -34.86 -3.83 -10.04
CA GLU E 182 -35.15 -3.40 -8.68
C GLU E 182 -35.69 -4.59 -7.92
N ARG E 183 -35.22 -4.76 -6.68
CA ARG E 183 -35.32 -6.03 -5.95
C ARG E 183 -35.42 -5.86 -4.45
N PHE E 184 -35.97 -6.87 -3.79
CA PHE E 184 -35.93 -7.01 -2.33
C PHE E 184 -34.90 -8.06 -1.93
N TYR E 185 -34.21 -7.79 -0.83
CA TYR E 185 -33.32 -8.75 -0.14
C TYR E 185 -33.85 -8.93 1.28
N GLU E 186 -33.56 -10.06 1.90
CA GLU E 186 -34.13 -10.35 3.26
C GLU E 186 -33.70 -9.29 4.29
N CYS E 187 -32.43 -8.87 4.22
CA CYS E 187 -31.84 -7.86 5.11
C CYS E 187 -32.78 -6.72 5.43
N CYS E 188 -33.20 -6.04 4.37
CA CYS E 188 -33.62 -4.66 4.41
C CYS E 188 -35.08 -4.57 3.88
N LYS E 189 -35.89 -3.71 4.49
CA LYS E 189 -37.31 -3.62 4.11
C LYS E 189 -37.61 -2.78 2.86
N GLU E 190 -36.65 -1.97 2.40
CA GLU E 190 -36.76 -1.10 1.21
C GLU E 190 -36.19 -1.82 -0.03
N PRO E 191 -36.49 -1.36 -1.26
CA PRO E 191 -35.92 -1.96 -2.46
C PRO E 191 -34.55 -1.40 -2.92
N TYR E 192 -33.77 -2.25 -3.59
CA TYR E 192 -32.40 -1.94 -4.02
C TYR E 192 -32.24 -2.10 -5.53
N PRO E 193 -31.94 -0.99 -6.25
CA PRO E 193 -31.75 -1.06 -7.68
C PRO E 193 -30.32 -1.42 -8.10
N ASP E 194 -30.20 -2.34 -9.05
CA ASP E 194 -28.91 -2.74 -9.62
C ASP E 194 -28.94 -2.55 -11.12
N VAL E 195 -27.74 -2.48 -11.70
CA VAL E 195 -27.59 -2.44 -13.15
C VAL E 195 -26.65 -3.55 -13.56
N THR E 196 -27.12 -4.45 -14.44
CA THR E 196 -26.35 -5.63 -14.82
C THR E 196 -26.03 -5.64 -16.32
N PHE E 197 -24.74 -5.84 -16.63
CA PHE E 197 -24.27 -5.93 -18.01
C PHE E 197 -23.87 -7.36 -18.30
N THR E 198 -24.34 -7.89 -19.42
CA THR E 198 -24.07 -9.25 -19.79
C THR E 198 -23.23 -9.24 -21.07
N VAL E 199 -22.13 -9.99 -21.06
CA VAL E 199 -21.23 -10.09 -22.21
C VAL E 199 -21.05 -11.55 -22.60
N THR E 200 -21.35 -11.87 -23.85
CA THR E 200 -21.01 -13.18 -24.42
C THR E 200 -19.81 -12.99 -25.34
N PHE E 201 -18.76 -13.77 -25.08
CA PHE E 201 -17.54 -13.72 -25.89
C PHE E 201 -17.01 -15.12 -26.15
N ARG E 202 -16.06 -15.20 -27.07
CA ARG E 202 -15.43 -16.45 -27.43
C ARG E 202 -14.06 -16.27 -28.04
N LYS E 203 -13.31 -17.38 -28.04
CA LYS E 203 -11.97 -17.40 -28.58
C LYS E 203 -11.98 -17.42 -30.11
N LYS E 204 -11.13 -16.59 -30.73
CA LYS E 204 -11.10 -16.47 -32.19
C LYS E 204 -10.55 -17.69 -32.94
N GLY E 205 -9.60 -18.39 -32.30
CA GLY E 205 -8.75 -19.37 -33.01
C GLY E 205 -7.32 -18.86 -33.21
C1 NAG F . -32.06 -1.02 15.24
C2 NAG F . -33.52 -0.94 15.68
C3 NAG F . -33.66 -1.93 16.85
C4 NAG F . -33.25 -3.34 16.39
C5 NAG F . -31.89 -3.34 15.68
C6 NAG F . -31.43 -4.65 15.01
C7 NAG F . -35.15 0.88 16.04
C8 NAG F . -35.34 2.34 16.34
N2 NAG F . -33.89 0.45 15.96
O3 NAG F . -35.00 -1.92 17.37
O4 NAG F . -33.17 -4.20 17.54
O5 NAG F . -31.89 -2.32 14.67
O6 NAG F . -32.36 -5.72 15.18
O7 NAG F . -36.11 0.15 15.92
C1 NAG F . -34.27 -5.14 17.68
C2 NAG F . -33.94 -6.08 18.83
C3 NAG F . -35.12 -6.88 19.37
C4 NAG F . -36.49 -6.19 19.27
C5 NAG F . -36.59 -5.41 17.97
C6 NAG F . -37.91 -4.67 17.77
C7 NAG F . -31.57 -6.80 18.61
C8 NAG F . -30.63 -7.83 18.05
N2 NAG F . -32.88 -6.99 18.37
O3 NAG F . -34.83 -7.17 20.74
O4 NAG F . -37.59 -7.14 19.26
O5 NAG F . -35.51 -4.50 17.95
O6 NAG F . -38.27 -3.94 18.95
O7 NAG F . -31.15 -5.83 19.25
C1 BMA F . -37.83 -7.78 20.52
C2 BMA F . -39.19 -8.49 20.53
C3 BMA F . -39.53 -8.90 21.94
C4 BMA F . -38.37 -9.76 22.49
C5 BMA F . -36.93 -9.33 22.09
C6 BMA F . -35.89 -10.44 22.06
O2 BMA F . -39.16 -9.69 19.75
O3 BMA F . -40.78 -9.62 21.95
O4 BMA F . -38.49 -9.72 23.92
O5 BMA F . -36.86 -8.78 20.78
O6 BMA F . -35.46 -10.87 23.36
C1 MAN F . -41.88 -8.77 22.34
C2 MAN F . -43.16 -9.54 22.75
C3 MAN F . -44.27 -9.63 21.73
C4 MAN F . -44.36 -8.33 20.93
C5 MAN F . -43.02 -8.10 20.28
C6 MAN F . -43.03 -6.97 19.25
O2 MAN F . -43.72 -8.88 23.90
O3 MAN F . -45.54 -9.83 22.39
O4 MAN F . -45.38 -8.40 19.96
O5 MAN F . -42.13 -7.77 21.35
O6 MAN F . -42.14 -7.29 18.18
C1 MAN F . -36.01 -12.15 23.78
C2 MAN F . -35.21 -12.67 24.97
C3 MAN F . -33.74 -12.89 24.54
C4 MAN F . -33.57 -13.51 23.14
C5 MAN F . -34.87 -13.93 22.41
C6 MAN F . -35.16 -15.44 22.51
O2 MAN F . -35.84 -13.86 25.46
O3 MAN F . -33.08 -13.70 25.53
O4 MAN F . -32.82 -12.62 22.28
O5 MAN F . -36.07 -13.24 22.82
O6 MAN F . -35.30 -16.00 21.21
C1 NAG G . 0.74 -6.14 35.19
C2 NAG G . 0.46 -6.63 36.62
C3 NAG G . 1.70 -7.27 37.18
C4 NAG G . 2.29 -8.32 36.23
C5 NAG G . 2.45 -7.79 34.79
C6 NAG G . 2.83 -8.82 33.73
C7 NAG G . -1.16 -5.44 38.12
C8 NAG G . -1.33 -4.26 39.05
N2 NAG G . 0.06 -5.57 37.55
O3 NAG G . 1.37 -7.85 38.44
O4 NAG G . 3.57 -8.67 36.77
O5 NAG G . 1.24 -7.19 34.36
O6 NAG G . 2.56 -10.17 34.12
O7 NAG G . -2.09 -6.19 37.92
C1 NAG G . 3.78 -10.07 37.06
C2 NAG G . 5.23 -10.16 37.54
C3 NAG G . 5.52 -11.63 37.88
C4 NAG G . 4.59 -12.00 39.06
C5 NAG G . 3.14 -11.93 38.54
C6 NAG G . 2.08 -12.30 39.59
C7 NAG G . 6.58 -9.82 35.39
C8 NAG G . 7.55 -8.84 34.75
N2 NAG G . 6.17 -9.48 36.62
O3 NAG G . 6.91 -11.81 38.18
O4 NAG G . 4.94 -13.26 39.66
O5 NAG G . 2.85 -10.62 38.04
O6 NAG G . 2.16 -11.46 40.76
O7 NAG G . 6.25 -10.81 34.77
C1 NAG H . 28.90 12.54 16.22
C2 NAG H . 30.22 12.72 16.96
C3 NAG H . 31.38 12.99 15.98
C4 NAG H . 31.51 11.95 14.87
C5 NAG H . 30.14 11.59 14.31
C6 NAG H . 30.28 10.25 13.61
C7 NAG H . 29.99 13.64 19.25
C8 NAG H . 30.03 14.88 20.11
N2 NAG H . 30.21 13.81 17.94
O3 NAG H . 32.60 13.01 16.75
O4 NAG H . 32.27 12.45 13.73
O5 NAG H . 29.13 11.47 15.30
O6 NAG H . 30.94 10.47 12.37
O7 NAG H . 29.75 12.56 19.73
C1 NAG H . 33.56 11.85 13.42
C2 NAG H . 34.42 12.94 12.72
C3 NAG H . 35.93 12.60 12.60
C4 NAG H . 36.50 11.71 13.71
C5 NAG H . 35.47 10.67 14.19
C6 NAG H . 35.99 9.86 15.39
C7 NAG H . 34.27 14.03 10.44
C8 NAG H . 33.34 14.10 9.25
N2 NAG H . 33.80 13.23 11.42
O3 NAG H . 36.67 13.82 12.57
O4 NAG H . 37.63 10.94 13.26
O5 NAG H . 34.24 11.29 14.54
O6 NAG H . 36.95 8.89 14.96
O7 NAG H . 35.34 14.63 10.45
C1 BMA H . 38.91 11.59 13.09
C2 BMA H . 39.86 11.25 14.27
C3 BMA H . 41.35 11.19 13.92
C4 BMA H . 41.52 10.36 12.64
C5 BMA H . 40.74 11.02 11.48
C6 BMA H . 40.80 10.21 10.18
O2 BMA H . 39.48 10.00 14.87
O3 BMA H . 42.14 10.66 15.00
O4 BMA H . 42.90 10.20 12.32
O5 BMA H . 39.35 11.19 11.78
O6 BMA H . 41.95 10.58 9.41
C1 NAG I . 13.56 29.54 -14.96
C2 NAG I . 14.63 30.55 -15.37
C3 NAG I . 14.56 31.01 -16.84
C4 NAG I . 14.30 29.84 -17.78
C5 NAG I . 13.18 28.95 -17.23
C6 NAG I . 12.99 27.73 -18.12
C7 NAG I . 15.50 32.39 -14.00
C8 NAG I . 15.14 33.49 -13.06
N2 NAG I . 14.48 31.67 -14.45
O3 NAG I . 15.80 31.64 -17.20
O4 NAG I . 13.93 30.30 -19.10
O5 NAG I . 13.50 28.50 -15.92
O6 NAG I . 14.18 26.92 -18.12
O7 NAG I . 16.65 32.18 -14.35
C1 NAG I . 14.71 29.74 -20.21
C2 NAG I . 13.88 29.91 -21.51
C3 NAG I . 14.72 29.75 -22.79
C4 NAG I . 16.03 30.52 -22.69
C5 NAG I . 16.79 29.96 -21.47
C6 NAG I . 18.22 30.50 -21.36
C7 NAG I . 11.49 29.19 -21.35
C8 NAG I . 10.55 28.02 -21.48
N2 NAG I . 12.79 28.93 -21.56
O3 NAG I . 14.03 30.24 -23.93
O4 NAG I . 16.75 30.41 -23.93
O5 NAG I . 16.03 30.31 -20.28
O6 NAG I . 19.15 29.49 -21.78
O7 NAG I . 11.07 30.31 -21.07
C1 NAG J . -24.20 20.77 -15.92
C2 NAG J . -24.94 21.74 -16.84
C3 NAG J . -26.35 21.21 -17.19
C4 NAG J . -26.27 19.77 -17.76
C5 NAG J . -25.32 18.90 -16.90
C6 NAG J . -24.99 17.58 -17.60
C7 NAG J . -24.68 24.19 -16.80
C8 NAG J . -24.92 25.44 -16.01
N2 NAG J . -25.06 23.06 -16.22
O3 NAG J . -26.99 22.10 -18.13
O4 NAG J . -27.57 19.13 -17.79
O5 NAG J . -24.07 19.53 -16.59
O6 NAG J . -24.40 17.80 -18.89
O7 NAG J . -24.16 24.25 -17.90
C1 NAG J . -28.19 18.92 -19.09
C2 NAG J . -29.24 17.79 -19.06
C3 NAG J . -29.85 17.62 -20.46
C4 NAG J . -30.41 18.96 -20.99
C5 NAG J . -29.45 20.13 -20.77
C6 NAG J . -30.15 21.47 -20.94
C7 NAG J . -28.75 16.13 -17.29
C8 NAG J . -28.22 14.76 -16.96
N2 NAG J . -28.75 16.49 -18.59
O3 NAG J . -30.89 16.63 -20.44
O4 NAG J . -30.67 18.87 -22.41
O5 NAG J . -28.85 20.11 -19.47
O6 NAG J . -30.51 22.00 -19.66
O7 NAG J . -29.13 16.88 -16.40
C1 BMA J . -32.01 18.46 -22.79
C2 BMA J . -32.31 18.97 -24.21
C3 BMA J . -33.79 18.76 -24.52
C4 BMA J . -34.09 17.26 -24.41
C5 BMA J . -33.55 16.60 -23.11
C6 BMA J . -33.52 15.07 -23.22
O2 BMA J . -31.49 18.27 -25.16
O3 BMA J . -34.18 19.27 -25.82
O4 BMA J . -35.50 17.12 -24.52
O5 BMA J . -32.23 17.04 -22.74
O6 BMA J . -32.73 14.44 -22.19
BR1 AVB K . -19.09 -22.53 5.81
C02 AVB K . -20.72 -22.80 6.83
C03 AVB K . -20.70 -23.29 8.14
C04 AVB K . -21.93 -23.47 8.81
C05 AVB K . -23.10 -23.14 8.15
N06 AVB K . -23.07 -22.68 6.87
C07 AVB K . -21.94 -22.51 6.22
N08 AVB K . -24.42 -23.32 8.73
C09 AVB K . -24.74 -24.69 9.17
O10 AVB K . -23.90 -25.54 9.08
C11 AVB K . -26.11 -25.12 9.73
C12 AVB K . -26.86 -25.56 8.50
C13 AVB K . -28.22 -26.05 8.79
C14 AVB K . -29.00 -25.01 9.60
N15 AVB K . -28.24 -24.54 10.80
C16 AVB K . -26.87 -24.05 10.50
C1 EDO L . -10.52 11.39 19.98
O1 EDO L . -10.19 10.12 19.38
C2 EDO L . -11.31 11.17 21.27
O2 EDO L . -11.55 12.42 21.94
C1 EDO M . -16.63 4.48 22.62
O1 EDO M . -15.78 4.28 21.49
C2 EDO M . -16.33 5.86 23.18
O2 EDO M . -16.86 5.95 24.50
C1 EDO N . -25.52 -31.28 6.50
O1 EDO N . -24.20 -30.74 6.38
C2 EDO N . -26.20 -30.61 7.69
O2 EDO N . -26.32 -29.20 7.47
C1 EDO O . -11.75 -10.33 8.98
O1 EDO O . -11.03 -11.53 8.66
C2 EDO O . -12.23 -10.37 10.44
O2 EDO O . -12.70 -9.08 10.87
C1 EDO P . -27.89 -33.07 -4.49
O1 EDO P . -26.55 -33.14 -4.00
C2 EDO P . -28.89 -33.07 -3.33
O2 EDO P . -28.59 -32.05 -2.38
C1 EDO Q . -22.06 -10.45 -2.44
O1 EDO Q . -22.70 -10.26 -1.18
C2 EDO Q . -21.03 -9.34 -2.64
O2 EDO Q . -19.73 -9.78 -2.23
C1 EDO R . -26.00 -29.69 2.83
O1 EDO R . -26.07 -28.47 3.58
C2 EDO R . -25.53 -29.41 1.41
O2 EDO R . -24.17 -29.83 1.24
C1 EDO S . -20.11 9.45 12.63
O1 EDO S . -18.74 9.64 12.24
C2 EDO S . -20.16 9.06 14.10
O2 EDO S . -19.51 10.05 14.90
C1 EDO T . -24.31 -2.92 5.57
O1 EDO T . -25.38 -2.80 4.64
C2 EDO T . -23.03 -3.23 4.78
O2 EDO T . -21.85 -3.13 5.60
C1 EDO U . 6.97 9.57 27.04
O1 EDO U . 6.06 8.47 27.12
C2 EDO U . 8.04 9.32 25.98
O2 EDO U . 7.93 8.01 25.41
C1 EDO V . -6.57 -7.88 10.15
O1 EDO V . -5.54 -8.86 10.33
C2 EDO V . -7.36 -7.73 11.44
O2 EDO V . -8.30 -8.81 11.59
C1 EDO W . -11.38 -5.83 31.92
O1 EDO W . -10.20 -5.27 31.32
C2 EDO W . -12.26 -4.74 32.53
O2 EDO W . -11.44 -3.66 33.00
C1 EDO X . -2.31 -9.32 23.38
O1 EDO X . -3.36 -10.25 23.70
C2 EDO X . -2.10 -9.33 21.87
O2 EDO X . -0.97 -8.54 21.48
C1 EDO Y . -2.71 5.30 25.63
O1 EDO Y . -3.89 6.11 25.66
C2 EDO Y . -1.88 5.56 24.37
O2 EDO Y . -2.23 6.81 23.76
C1 EDO Z . 16.30 21.80 7.63
O1 EDO Z . 16.66 22.56 6.47
C2 EDO Z . 14.99 22.35 8.18
O2 EDO Z . 15.22 23.40 9.13
C1 EDO AA . 12.30 15.94 16.16
O1 EDO AA . 11.88 15.16 17.29
C2 EDO AA . 13.47 15.27 15.48
O2 EDO AA . 13.47 15.67 14.11
C1 PEG BA . 14.88 4.01 0.79
O1 PEG BA . 14.65 4.11 2.20
C2 PEG BA . 16.23 4.62 0.43
O2 PEG BA . 16.69 4.04 -0.79
C3 PEG BA . 17.97 4.52 -1.20
C4 PEG BA . 18.46 3.68 -2.38
O4 PEG BA . 17.59 3.85 -3.50
C1 EDO CA . -13.13 12.56 -15.09
O1 EDO CA . -14.34 13.26 -14.74
C2 EDO CA . -12.89 12.48 -16.60
O2 EDO CA . -13.64 13.45 -17.36
C1 EDO DA . -11.29 12.57 -21.39
O1 EDO DA . -11.36 11.32 -22.09
C2 EDO DA . -10.77 13.65 -22.34
O2 EDO DA . -11.86 14.41 -22.89
C1 EDO EA . -3.10 28.64 -6.31
O1 EDO EA . -4.21 29.15 -7.07
C2 EDO EA . -2.69 27.24 -6.76
O2 EDO EA . -1.85 27.25 -7.92
C1 EDO FA . 4.90 24.61 -1.59
O1 EDO FA . 4.53 25.75 -0.80
C2 EDO FA . 6.19 24.88 -2.33
O2 EDO FA . 7.30 24.30 -1.63
C1 EDO GA . 14.76 17.55 -11.35
O1 EDO GA . 15.32 16.55 -12.21
C2 EDO GA . 13.26 17.35 -11.07
O2 EDO GA . 12.92 15.99 -10.75
C1 EDO HA . -14.53 -7.28 -32.63
O1 EDO HA . -14.42 -8.68 -32.34
C2 EDO HA . -15.99 -6.83 -32.49
O2 EDO HA . -16.53 -7.26 -31.23
C1 EDO IA . -14.47 20.53 -1.97
O1 EDO IA . -15.70 21.24 -1.74
C2 EDO IA . -14.02 20.64 -3.42
O2 EDO IA . -13.96 22.02 -3.84
C1 EDO JA . -2.10 7.42 -14.13
O1 EDO JA . -0.98 8.13 -14.70
C2 EDO JA . -2.20 7.75 -12.65
O2 EDO JA . -3.52 7.49 -12.16
C1 EDO KA . -23.34 16.54 1.93
O1 EDO KA . -21.97 16.28 1.58
C2 EDO KA . -23.53 17.21 3.30
O2 EDO KA . -22.40 18.01 3.66
C1 EDO LA . -21.01 7.20 1.23
O1 EDO LA . -21.32 6.52 0.01
C2 EDO LA . -22.14 7.05 2.24
O2 EDO LA . -23.12 8.10 2.10
#